data_5KOC
#
_entry.id   5KOC
#
_cell.length_a   54.572
_cell.length_b   72.005
_cell.length_c   96.247
_cell.angle_alpha   90.00
_cell.angle_beta   98.97
_cell.angle_gamma   90.00
#
_symmetry.space_group_name_H-M   'P 1 21 1'
#
loop_
_entity.id
_entity.type
_entity.pdbx_description
1 polymer 'Pavine N-methyltransferase'
2 non-polymer S-ADENOSYLMETHIONINE
3 water water
#
_entity_poly.entity_id   1
_entity_poly.type   'polypeptide(L)'
_entity_poly.pdbx_seq_one_letter_code
;MRGSHHHHHHGMASMTGGQQMGRDLYDDDDKDRWIRPRDLQMETKQTKKEAVANLIKRIEHGEVSDEEIRGMMKIQVQKR
LKWGYKPTHEQQLAQLVTFAQSLKGMEMAEEVDTLDAELYEIPLPFLHIMCGKTLKFSPGYFKDESTTLDESEVYMMDLY
CERAQIKDGQSILDLGCGHGSLTLHVAQKYRGCKVTGITNSVSQKEFIMDQCKKLDLSNVEIILEDVTKFETEITYDRIF
AVALIEHMKNYELFLKKVSTWIAQDGLLFVEHHCHKVFAYQYEPLDEDDWYTEYIFPSGTLVMSSSSILLYFQEDVSVVN
HWTLSGKHPSLGFKQWLKRLDDNIDEVKEIFESFYGSKEKAMKFITYWRVFCIAHSQMYSTNNGEEWMLSQVLFKKK
;
_entity_poly.pdbx_strand_id   A,B
#
loop_
_chem_comp.id
_chem_comp.type
_chem_comp.name
_chem_comp.formula
SAM non-polymer S-ADENOSYLMETHIONINE 'C15 H22 N6 O5 S'
#
# COMPACT_ATOMS: atom_id res chain seq x y z
N ALA A 53 -6.77 11.39 -36.68
CA ALA A 53 -7.89 10.45 -36.56
C ALA A 53 -8.02 9.54 -37.76
N ASN A 54 -7.40 9.91 -38.88
CA ASN A 54 -7.54 9.09 -40.08
C ASN A 54 -6.77 7.79 -39.99
N LEU A 55 -5.88 7.67 -39.00
CA LEU A 55 -5.24 6.42 -38.65
C LEU A 55 -6.24 5.26 -38.64
N ILE A 56 -7.28 5.41 -37.82
CA ILE A 56 -8.25 4.33 -37.57
C ILE A 56 -8.80 3.80 -38.89
N LYS A 57 -9.21 4.71 -39.78
CA LYS A 57 -9.87 4.30 -41.03
C LYS A 57 -8.97 3.38 -41.84
N ARG A 58 -7.67 3.66 -41.84
CA ARG A 58 -6.75 2.82 -42.60
C ARG A 58 -6.43 1.53 -41.85
N ILE A 59 -6.56 1.54 -40.52
CA ILE A 59 -6.52 0.29 -39.77
C ILE A 59 -7.71 -0.57 -40.16
N GLU A 60 -8.91 0.02 -40.09
CA GLU A 60 -10.14 -0.73 -40.36
C GLU A 60 -10.12 -1.32 -41.77
N HIS A 61 -9.57 -0.60 -42.73
CA HIS A 61 -9.46 -1.11 -44.09
C HIS A 61 -8.25 -2.00 -44.28
N GLY A 62 -7.67 -2.47 -43.18
CA GLY A 62 -6.62 -3.47 -43.23
C GLY A 62 -5.31 -3.01 -43.84
N GLU A 63 -4.93 -1.76 -43.61
CA GLU A 63 -3.58 -1.37 -44.01
C GLU A 63 -2.56 -1.71 -42.92
N VAL A 64 -2.76 -1.16 -41.72
CA VAL A 64 -1.69 -1.17 -40.72
C VAL A 64 -1.51 -2.59 -40.19
N SER A 65 -0.33 -3.14 -40.42
CA SER A 65 -0.03 -4.52 -40.05
C SER A 65 -0.07 -4.69 -38.52
N ASP A 66 -0.11 -5.97 -38.11
CA ASP A 66 -0.10 -6.27 -36.69
C ASP A 66 1.16 -5.75 -36.02
N GLU A 67 2.32 -5.82 -36.72
CA GLU A 67 3.55 -5.35 -36.09
C GLU A 67 3.56 -3.83 -35.93
N GLU A 68 2.90 -3.11 -36.84
CA GLU A 68 2.78 -1.67 -36.66
C GLU A 68 1.92 -1.35 -35.44
N ILE A 69 0.83 -2.10 -35.21
CA ILE A 69 0.01 -1.85 -34.02
C ILE A 69 0.83 -2.14 -32.77
N ARG A 70 1.55 -3.26 -32.79
CA ARG A 70 2.41 -3.62 -31.67
C ARG A 70 3.46 -2.54 -31.40
N GLY A 71 4.08 -2.01 -32.46
CA GLY A 71 5.06 -0.97 -32.30
C GLY A 71 4.45 0.32 -31.78
N MET A 72 3.26 0.68 -32.29
CA MET A 72 2.56 1.84 -31.76
C MET A 72 2.28 1.70 -30.28
N MET A 73 1.79 0.51 -29.86
CA MET A 73 1.51 0.33 -28.44
C MET A 73 2.78 0.45 -27.59
N LYS A 74 3.92 -0.09 -28.06
CA LYS A 74 5.17 0.07 -27.30
C LYS A 74 5.48 1.53 -27.02
N ILE A 75 5.36 2.40 -28.05
CA ILE A 75 5.56 3.84 -27.87
C ILE A 75 4.59 4.37 -26.81
N GLN A 76 3.32 3.96 -26.91
CA GLN A 76 2.31 4.40 -25.96
C GLN A 76 2.64 3.99 -24.52
N VAL A 77 3.07 2.73 -24.30
CA VAL A 77 3.40 2.33 -22.94
C VAL A 77 4.63 3.09 -22.41
N GLN A 78 5.59 3.44 -23.28
CA GLN A 78 6.76 4.12 -22.76
C GLN A 78 6.42 5.55 -22.35
N LYS A 79 5.48 6.20 -23.06
CA LYS A 79 4.98 7.49 -22.60
C LYS A 79 4.19 7.36 -21.31
N ARG A 80 3.34 6.33 -21.20
CA ARG A 80 2.58 6.16 -19.97
C ARG A 80 3.52 5.93 -18.78
N LEU A 81 4.52 5.06 -18.95
CA LEU A 81 5.47 4.78 -17.87
C LEU A 81 6.23 6.04 -17.45
N LYS A 82 6.62 6.86 -18.43
CA LYS A 82 7.38 8.06 -18.14
C LYS A 82 6.50 9.18 -17.58
N TRP A 83 5.21 9.19 -17.91
CA TRP A 83 4.25 10.06 -17.23
C TRP A 83 4.06 9.64 -15.76
N GLY A 84 4.00 8.33 -15.50
CA GLY A 84 3.62 7.83 -14.19
C GLY A 84 4.71 7.75 -13.13
N TYR A 85 5.89 7.26 -13.51
CA TYR A 85 6.95 7.11 -12.52
C TYR A 85 7.52 8.47 -12.14
N LYS A 86 7.79 8.66 -10.86
CA LYS A 86 8.32 9.92 -10.35
C LYS A 86 9.73 9.73 -9.84
N PRO A 87 10.51 10.81 -9.70
CA PRO A 87 11.89 10.63 -9.22
C PRO A 87 12.01 10.36 -7.73
N THR A 88 10.98 10.61 -6.92
CA THR A 88 11.11 10.29 -5.50
C THR A 88 9.85 9.60 -4.99
N HIS A 89 10.04 8.83 -3.92
CA HIS A 89 8.93 8.11 -3.34
C HIS A 89 7.86 9.05 -2.83
N GLU A 90 8.27 10.15 -2.19
CA GLU A 90 7.31 11.11 -1.69
C GLU A 90 6.38 11.61 -2.80
N GLN A 91 6.92 11.83 -4.00
CA GLN A 91 6.07 12.22 -5.13
C GLN A 91 5.20 11.06 -5.59
N GLN A 92 5.82 9.88 -5.79
CA GLN A 92 5.08 8.72 -6.23
C GLN A 92 3.89 8.46 -5.32
N LEU A 93 4.15 8.36 -4.02
CA LEU A 93 3.04 8.19 -3.09
C LEU A 93 2.02 9.32 -3.24
N ALA A 94 2.49 10.58 -3.38
CA ALA A 94 1.52 11.69 -3.42
C ALA A 94 0.62 11.60 -4.65
N GLN A 95 1.18 11.21 -5.81
CA GLN A 95 0.34 10.94 -6.99
C GLN A 95 -0.80 9.98 -6.63
N LEU A 96 -0.46 8.86 -6.00
CA LEU A 96 -1.44 7.80 -5.77
C LEU A 96 -2.48 8.22 -4.75
N VAL A 97 -2.04 8.77 -3.60
CA VAL A 97 -2.99 9.18 -2.57
C VAL A 97 -3.97 10.20 -3.13
N THR A 98 -3.46 11.14 -3.94
CA THR A 98 -4.28 12.22 -4.46
C THR A 98 -5.29 11.68 -5.45
N PHE A 99 -4.85 10.73 -6.28
CA PHE A 99 -5.76 10.07 -7.21
C PHE A 99 -6.83 9.26 -6.46
N ALA A 100 -6.45 8.56 -5.39
CA ALA A 100 -7.43 7.86 -4.57
C ALA A 100 -8.48 8.82 -4.00
N GLN A 101 -8.03 9.91 -3.34
CA GLN A 101 -8.95 10.92 -2.82
C GLN A 101 -9.94 11.38 -3.89
N SER A 102 -9.46 11.68 -5.11
CA SER A 102 -10.36 12.20 -6.13
C SER A 102 -11.42 11.18 -6.54
N LEU A 103 -11.12 9.89 -6.42
CA LEU A 103 -12.13 8.87 -6.72
C LEU A 103 -13.30 8.98 -5.76
N LYS A 104 -13.04 9.41 -4.53
CA LYS A 104 -14.09 9.37 -3.52
C LYS A 104 -15.16 10.42 -3.77
N GLY A 105 -14.91 11.36 -4.68
CA GLY A 105 -15.89 12.36 -5.03
C GLY A 105 -16.64 12.07 -6.31
N MET A 106 -16.50 10.87 -6.87
CA MET A 106 -17.07 10.51 -8.17
C MET A 106 -18.30 9.62 -8.05
N GLU A 107 -18.90 9.34 -9.21
CA GLU A 107 -19.92 8.31 -9.32
C GLU A 107 -19.30 6.93 -9.13
N MET A 108 -20.09 6.02 -8.56
CA MET A 108 -19.65 4.63 -8.50
C MET A 108 -19.26 4.14 -9.88
N ALA A 109 -20.07 4.48 -10.89
CA ALA A 109 -19.87 4.07 -12.27
C ALA A 109 -20.58 5.05 -13.19
N GLU A 110 -20.04 5.20 -14.41
CA GLU A 110 -20.75 5.96 -15.44
C GLU A 110 -22.02 5.25 -15.87
N GLU A 111 -23.04 6.05 -16.17
CA GLU A 111 -24.23 5.50 -16.81
C GLU A 111 -23.99 5.26 -18.30
N VAL A 112 -24.78 4.37 -18.87
CA VAL A 112 -24.62 3.96 -20.26
C VAL A 112 -25.68 4.62 -21.15
N LEU A 119 -26.43 -0.70 -26.66
CA LEU A 119 -26.27 -1.62 -27.79
C LEU A 119 -24.79 -1.87 -28.09
N TYR A 120 -24.04 -2.32 -27.10
CA TYR A 120 -22.67 -2.74 -27.37
C TYR A 120 -22.43 -4.13 -26.84
N GLU A 121 -23.41 -4.99 -27.04
CA GLU A 121 -23.37 -6.38 -26.66
C GLU A 121 -22.69 -7.22 -27.74
N ILE A 122 -22.06 -8.30 -27.30
CA ILE A 122 -21.25 -9.16 -28.17
C ILE A 122 -22.11 -10.33 -28.62
N PRO A 123 -22.10 -10.67 -29.91
CA PRO A 123 -22.84 -11.87 -30.34
C PRO A 123 -22.25 -13.09 -29.65
N LEU A 124 -23.12 -14.00 -29.28
CA LEU A 124 -22.68 -15.07 -28.43
C LEU A 124 -21.81 -16.06 -29.20
N PRO A 125 -22.13 -16.39 -30.47
CA PRO A 125 -21.22 -17.23 -31.26
C PRO A 125 -19.82 -16.68 -31.42
N PHE A 126 -19.64 -15.37 -31.32
CA PHE A 126 -18.28 -14.81 -31.36
C PHE A 126 -17.52 -15.14 -30.09
N LEU A 127 -18.18 -15.04 -28.94
CA LEU A 127 -17.53 -15.39 -27.69
C LEU A 127 -17.17 -16.87 -27.64
N HIS A 128 -18.00 -17.73 -28.25
CA HIS A 128 -17.69 -19.16 -28.28
C HIS A 128 -16.39 -19.42 -29.01
N ILE A 129 -16.12 -18.62 -30.04
CA ILE A 129 -14.89 -18.72 -30.81
C ILE A 129 -13.71 -18.12 -30.04
N MET A 130 -13.82 -16.85 -29.63
CA MET A 130 -12.66 -16.16 -29.08
C MET A 130 -12.26 -16.74 -27.71
N CYS A 131 -13.22 -17.04 -26.83
CA CYS A 131 -12.93 -17.04 -25.39
C CYS A 131 -12.63 -18.38 -24.76
N GLY A 132 -13.14 -19.49 -25.24
CA GLY A 132 -12.80 -20.65 -24.42
C GLY A 132 -13.99 -21.17 -23.63
N LYS A 133 -13.87 -22.44 -23.22
CA LYS A 133 -15.05 -23.27 -22.94
C LYS A 133 -15.98 -22.64 -21.92
N THR A 134 -15.46 -22.04 -20.85
CA THR A 134 -16.33 -21.45 -19.82
C THR A 134 -16.73 -20.02 -20.15
N LEU A 135 -16.19 -19.46 -21.24
CA LEU A 135 -16.43 -18.08 -21.66
C LEU A 135 -15.94 -17.08 -20.60
N LYS A 136 -14.85 -17.40 -19.91
CA LYS A 136 -14.28 -16.51 -18.92
C LYS A 136 -13.77 -15.21 -19.58
N PHE A 137 -14.37 -14.08 -19.24
CA PHE A 137 -13.98 -12.81 -19.86
C PHE A 137 -13.06 -12.01 -18.92
N SER A 138 -11.91 -12.62 -18.62
CA SER A 138 -10.98 -12.18 -17.59
C SER A 138 -9.84 -13.20 -17.62
N PRO A 139 -8.67 -12.91 -17.03
CA PRO A 139 -7.48 -13.71 -17.34
C PRO A 139 -7.58 -15.15 -16.87
N GLY A 140 -6.80 -16.01 -17.54
CA GLY A 140 -6.54 -17.35 -17.10
C GLY A 140 -5.18 -17.40 -16.40
N TYR A 141 -4.89 -18.54 -15.78
CA TYR A 141 -3.58 -18.76 -15.19
C TYR A 141 -2.81 -19.71 -16.09
N PHE A 142 -1.65 -19.25 -16.58
CA PHE A 142 -0.80 -20.07 -17.46
C PHE A 142 0.39 -20.54 -16.63
N LYS A 143 0.36 -21.79 -16.20
CA LYS A 143 1.51 -22.29 -15.47
C LYS A 143 2.66 -22.60 -16.43
N ASP A 144 2.56 -22.12 -17.67
CA ASP A 144 3.51 -22.42 -18.74
C ASP A 144 3.06 -21.83 -20.09
N GLU A 145 3.85 -21.96 -21.16
CA GLU A 145 3.39 -21.60 -22.51
C GLU A 145 2.80 -22.76 -23.30
N SER A 146 2.81 -23.98 -22.75
CA SER A 146 2.06 -25.14 -23.24
C SER A 146 0.66 -25.24 -22.64
N THR A 147 0.34 -24.43 -21.61
CA THR A 147 -1.02 -24.38 -21.06
C THR A 147 -1.97 -23.79 -22.11
N THR A 148 -3.11 -24.45 -22.32
CA THR A 148 -4.07 -23.97 -23.30
C THR A 148 -4.97 -22.88 -22.69
N LEU A 149 -5.70 -22.20 -23.58
CA LEU A 149 -6.69 -21.24 -23.12
C LEU A 149 -7.66 -21.92 -22.16
N ASP A 150 -8.20 -23.08 -22.55
CA ASP A 150 -9.19 -23.78 -21.74
C ASP A 150 -8.65 -24.13 -20.37
N GLU A 151 -7.39 -24.58 -20.31
CA GLU A 151 -6.75 -24.88 -19.03
C GLU A 151 -6.51 -23.62 -18.20
N SER A 152 -6.04 -22.53 -18.83
CA SER A 152 -5.78 -21.30 -18.06
C SER A 152 -7.01 -20.89 -17.26
N GLU A 153 -8.19 -21.00 -17.88
CA GLU A 153 -9.45 -20.59 -17.25
C GLU A 153 -9.72 -21.42 -16.00
N VAL A 154 -9.64 -22.76 -16.13
CA VAL A 154 -9.86 -23.66 -14.99
C VAL A 154 -8.80 -23.44 -13.90
N TYR A 155 -7.53 -23.32 -14.28
CA TYR A 155 -6.49 -23.03 -13.27
C TYR A 155 -6.79 -21.74 -12.50
N MET A 156 -7.04 -20.64 -13.21
CA MET A 156 -7.29 -19.38 -12.53
C MET A 156 -8.48 -19.50 -11.57
N MET A 157 -9.57 -20.13 -12.01
CA MET A 157 -10.80 -20.23 -11.23
C MET A 157 -10.66 -21.17 -10.03
N ASP A 158 -9.86 -22.25 -10.16
CA ASP A 158 -9.47 -23.01 -8.96
C ASP A 158 -8.64 -22.15 -8.02
N LEU A 159 -7.73 -21.33 -8.56
CA LEU A 159 -7.01 -20.43 -7.69
C LEU A 159 -7.96 -19.50 -6.93
N TYR A 160 -9.00 -18.98 -7.59
CA TYR A 160 -10.00 -18.16 -6.88
C TYR A 160 -10.63 -18.96 -5.75
N CYS A 161 -10.96 -20.23 -6.02
CA CYS A 161 -11.63 -21.01 -5.01
C CYS A 161 -10.74 -21.24 -3.80
N GLU A 162 -9.44 -21.38 -4.02
CA GLU A 162 -8.55 -21.59 -2.88
C GLU A 162 -8.27 -20.28 -2.11
N ARG A 163 -8.02 -19.17 -2.81
CA ARG A 163 -7.65 -17.95 -2.07
C ARG A 163 -8.85 -17.33 -1.35
N ALA A 164 -10.06 -17.50 -1.89
CA ALA A 164 -11.29 -17.06 -1.26
C ALA A 164 -11.86 -18.08 -0.27
N GLN A 165 -11.15 -19.22 -0.07
CA GLN A 165 -11.50 -20.20 0.96
C GLN A 165 -12.94 -20.70 0.80
N ILE A 166 -13.29 -21.15 -0.41
CA ILE A 166 -14.62 -21.70 -0.64
C ILE A 166 -14.74 -23.08 -0.02
N LYS A 167 -15.90 -23.37 0.56
CA LYS A 167 -16.21 -24.68 1.12
C LYS A 167 -17.63 -25.05 0.75
N ASP A 168 -17.88 -26.37 0.62
CA ASP A 168 -19.20 -26.88 0.27
C ASP A 168 -20.24 -26.41 1.28
N GLY A 169 -21.38 -25.93 0.78
CA GLY A 169 -22.46 -25.45 1.62
C GLY A 169 -22.53 -23.94 1.83
N GLN A 170 -21.46 -23.19 1.55
CA GLN A 170 -21.52 -21.73 1.65
C GLN A 170 -22.44 -21.12 0.61
N SER A 171 -23.09 -20.03 0.98
CA SER A 171 -23.75 -19.19 -0.01
C SER A 171 -22.73 -18.27 -0.66
N ILE A 172 -22.84 -18.10 -1.98
CA ILE A 172 -21.84 -17.38 -2.79
C ILE A 172 -22.56 -16.38 -3.69
N LEU A 173 -22.14 -15.12 -3.64
CA LEU A 173 -22.56 -14.08 -4.57
C LEU A 173 -21.43 -13.75 -5.56
N ASP A 174 -21.76 -13.75 -6.85
CA ASP A 174 -20.78 -13.48 -7.92
C ASP A 174 -21.19 -12.17 -8.61
N LEU A 175 -20.54 -11.05 -8.28
CA LEU A 175 -20.93 -9.76 -8.85
C LEU A 175 -20.34 -9.60 -10.24
N GLY A 176 -21.19 -9.17 -11.19
CA GLY A 176 -20.83 -9.11 -12.60
C GLY A 176 -20.45 -10.49 -13.13
N CYS A 177 -21.37 -11.44 -13.06
CA CYS A 177 -21.06 -12.84 -13.37
C CYS A 177 -20.77 -13.11 -14.85
N GLY A 178 -21.03 -12.15 -15.74
CA GLY A 178 -20.77 -12.36 -17.17
C GLY A 178 -21.57 -13.52 -17.72
N HIS A 179 -20.92 -14.37 -18.54
CA HIS A 179 -21.57 -15.57 -19.04
C HIS A 179 -21.44 -16.73 -18.08
N GLY A 180 -21.04 -16.45 -16.85
CA GLY A 180 -21.18 -17.38 -15.76
C GLY A 180 -20.04 -18.32 -15.55
N SER A 181 -18.85 -18.02 -16.11
CA SER A 181 -17.71 -18.93 -15.94
C SER A 181 -17.54 -19.31 -14.47
N LEU A 182 -17.42 -18.31 -13.58
CA LEU A 182 -17.15 -18.61 -12.17
C LEU A 182 -18.38 -19.15 -11.45
N THR A 183 -19.55 -18.58 -11.72
CA THR A 183 -20.80 -19.08 -11.18
C THR A 183 -20.99 -20.58 -11.43
N LEU A 184 -20.72 -21.04 -12.66
CA LEU A 184 -21.01 -22.42 -13.00
C LEU A 184 -19.90 -23.33 -12.47
N HIS A 185 -18.65 -22.86 -12.51
CA HIS A 185 -17.55 -23.66 -12.00
C HIS A 185 -17.73 -23.92 -10.52
N VAL A 186 -18.04 -22.86 -9.75
CA VAL A 186 -18.28 -23.04 -8.32
C VAL A 186 -19.51 -23.93 -8.08
N ALA A 187 -20.60 -23.67 -8.81
CA ALA A 187 -21.80 -24.46 -8.56
C ALA A 187 -21.63 -25.93 -8.99
N GLN A 188 -20.80 -26.21 -10.00
CA GLN A 188 -20.54 -27.60 -10.33
C GLN A 188 -19.59 -28.24 -9.35
N LYS A 189 -18.67 -27.47 -8.77
CA LYS A 189 -17.68 -28.05 -7.87
C LYS A 189 -18.27 -28.35 -6.50
N TYR A 190 -19.20 -27.51 -6.03
CA TYR A 190 -19.73 -27.58 -4.66
C TYR A 190 -21.24 -27.65 -4.78
N ARG A 191 -21.76 -28.89 -4.88
CA ARG A 191 -23.20 -29.09 -5.03
C ARG A 191 -23.97 -28.61 -3.81
N GLY A 192 -23.32 -28.50 -2.64
CA GLY A 192 -24.00 -27.94 -1.48
C GLY A 192 -24.02 -26.42 -1.38
N CYS A 193 -23.34 -25.70 -2.27
CA CYS A 193 -23.40 -24.25 -2.25
C CYS A 193 -24.63 -23.75 -3.01
N LYS A 194 -25.16 -22.62 -2.58
CA LYS A 194 -26.10 -21.88 -3.40
C LYS A 194 -25.33 -20.70 -3.99
N VAL A 195 -25.32 -20.59 -5.31
CA VAL A 195 -24.58 -19.55 -6.00
C VAL A 195 -25.57 -18.56 -6.60
N THR A 196 -25.41 -17.28 -6.24
CA THR A 196 -26.17 -16.21 -6.85
C THR A 196 -25.24 -15.39 -7.75
N GLY A 197 -25.59 -15.26 -9.02
CA GLY A 197 -24.89 -14.37 -9.93
C GLY A 197 -25.72 -13.11 -10.19
N ILE A 198 -25.04 -11.97 -10.39
CA ILE A 198 -25.71 -10.73 -10.77
C ILE A 198 -25.15 -10.24 -12.10
N THR A 199 -26.05 -9.92 -13.05
CA THR A 199 -25.70 -9.32 -14.33
C THR A 199 -26.75 -8.30 -14.72
N ASN A 200 -26.29 -7.30 -15.48
CA ASN A 200 -27.18 -6.35 -16.11
C ASN A 200 -27.56 -6.77 -17.53
N SER A 201 -27.32 -8.03 -17.93
CA SER A 201 -27.49 -8.45 -19.31
C SER A 201 -28.48 -9.60 -19.41
N VAL A 202 -29.51 -9.40 -20.24
CA VAL A 202 -30.59 -10.38 -20.42
C VAL A 202 -30.07 -11.65 -21.05
N SER A 203 -29.18 -11.54 -22.03
CA SER A 203 -28.75 -12.75 -22.70
C SER A 203 -27.66 -13.48 -21.92
N GLN A 204 -26.85 -12.77 -21.12
CA GLN A 204 -25.93 -13.46 -20.21
C GLN A 204 -26.72 -14.29 -19.21
N LYS A 205 -27.79 -13.73 -18.66
CA LYS A 205 -28.62 -14.51 -17.74
C LYS A 205 -29.31 -15.68 -18.45
N GLU A 206 -29.77 -15.50 -19.69
CA GLU A 206 -30.45 -16.61 -20.34
C GLU A 206 -29.46 -17.67 -20.76
N PHE A 207 -28.24 -17.27 -21.12
CA PHE A 207 -27.22 -18.27 -21.39
C PHE A 207 -26.98 -19.15 -20.17
N ILE A 208 -26.85 -18.52 -18.99
CA ILE A 208 -26.48 -19.28 -17.80
C ILE A 208 -27.61 -20.21 -17.38
N MET A 209 -28.86 -19.74 -17.42
CA MET A 209 -29.98 -20.61 -17.05
C MET A 209 -30.10 -21.79 -18.00
N ASP A 210 -29.58 -21.65 -19.23
CA ASP A 210 -29.57 -22.77 -20.14
C ASP A 210 -28.42 -23.74 -19.85
N GLN A 211 -27.27 -23.20 -19.44
CA GLN A 211 -26.20 -24.08 -18.94
C GLN A 211 -26.68 -24.88 -17.75
N CYS A 212 -27.50 -24.26 -16.90
CA CYS A 212 -28.02 -24.97 -15.74
C CYS A 212 -28.97 -26.09 -16.15
N LYS A 213 -29.74 -25.86 -17.22
CA LYS A 213 -30.58 -26.92 -17.78
C LYS A 213 -29.74 -28.08 -18.31
N LYS A 214 -28.73 -27.76 -19.12
CA LYS A 214 -27.88 -28.77 -19.73
C LYS A 214 -27.05 -29.52 -18.70
N LEU A 215 -26.59 -28.86 -17.63
CA LEU A 215 -25.75 -29.51 -16.65
C LEU A 215 -26.53 -30.07 -15.47
N ASP A 216 -27.85 -29.83 -15.43
CA ASP A 216 -28.72 -30.30 -14.36
C ASP A 216 -28.26 -29.82 -12.97
N LEU A 217 -27.88 -28.54 -12.89
CA LEU A 217 -27.62 -27.89 -11.62
C LEU A 217 -28.89 -27.21 -11.13
N SER A 218 -29.22 -27.43 -9.86
CA SER A 218 -30.34 -26.71 -9.26
C SER A 218 -29.88 -25.69 -8.22
N ASN A 219 -28.61 -25.33 -8.23
CA ASN A 219 -28.07 -24.55 -7.12
C ASN A 219 -27.54 -23.19 -7.60
N VAL A 220 -28.08 -22.68 -8.71
CA VAL A 220 -27.66 -21.44 -9.33
C VAL A 220 -28.87 -20.54 -9.48
N GLU A 221 -28.74 -19.29 -9.07
CA GLU A 221 -29.76 -18.29 -9.27
C GLU A 221 -29.12 -17.04 -9.86
N ILE A 222 -29.65 -16.57 -10.98
CA ILE A 222 -29.16 -15.35 -11.63
C ILE A 222 -30.16 -14.22 -11.43
N ILE A 223 -29.66 -13.08 -10.93
CA ILE A 223 -30.47 -11.87 -10.73
C ILE A 223 -30.14 -10.89 -11.87
N LEU A 224 -31.16 -10.45 -12.60
CA LEU A 224 -30.92 -9.47 -13.66
C LEU A 224 -30.93 -8.07 -13.04
N GLU A 225 -29.75 -7.47 -12.88
CA GLU A 225 -29.77 -6.20 -12.17
C GLU A 225 -28.46 -5.45 -12.43
N ASP A 226 -28.52 -4.15 -12.19
CA ASP A 226 -27.33 -3.29 -12.19
C ASP A 226 -26.75 -3.30 -10.77
N VAL A 227 -25.54 -3.85 -10.64
CA VAL A 227 -24.85 -3.95 -9.35
C VAL A 227 -24.84 -2.61 -8.61
N THR A 228 -24.65 -1.53 -9.36
CA THR A 228 -24.57 -0.16 -8.82
C THR A 228 -25.86 0.25 -8.10
N LYS A 229 -27.00 -0.31 -8.50
CA LYS A 229 -28.30 0.07 -7.95
C LYS A 229 -28.95 -1.05 -7.14
N PHE A 230 -28.42 -2.27 -7.19
CA PHE A 230 -29.03 -3.42 -6.53
C PHE A 230 -29.11 -3.21 -5.02
N GLU A 231 -30.26 -3.55 -4.44
CA GLU A 231 -30.41 -3.56 -3.00
C GLU A 231 -31.00 -4.88 -2.54
N THR A 232 -30.44 -5.44 -1.48
CA THR A 232 -30.95 -6.67 -0.90
C THR A 232 -30.60 -6.73 0.58
N GLU A 233 -31.41 -7.48 1.33
CA GLU A 233 -31.15 -7.76 2.72
C GLU A 233 -30.54 -9.12 2.92
N ILE A 234 -30.14 -9.76 1.88
CA ILE A 234 -29.52 -11.07 2.01
C ILE A 234 -28.02 -10.85 2.22
N THR A 235 -27.40 -11.74 2.96
CA THR A 235 -25.96 -11.71 3.12
C THR A 235 -25.40 -13.06 2.72
N TYR A 236 -24.13 -13.06 2.35
CA TYR A 236 -23.51 -14.21 1.74
C TYR A 236 -22.21 -14.48 2.44
N ASP A 237 -21.84 -15.77 2.50
CA ASP A 237 -20.60 -16.18 3.15
C ASP A 237 -19.39 -15.76 2.31
N ARG A 238 -19.58 -15.65 1.00
CA ARG A 238 -18.49 -15.45 0.07
C ARG A 238 -19.00 -14.56 -1.05
N ILE A 239 -18.25 -13.52 -1.37
CA ILE A 239 -18.60 -12.63 -2.48
C ILE A 239 -17.41 -12.56 -3.43
N PHE A 240 -17.70 -12.70 -4.72
CA PHE A 240 -16.70 -12.53 -5.78
C PHE A 240 -16.94 -11.26 -6.58
N ALA A 241 -15.84 -10.59 -6.95
CA ALA A 241 -15.88 -9.41 -7.85
C ALA A 241 -14.62 -9.50 -8.69
N VAL A 242 -14.72 -10.25 -9.78
CA VAL A 242 -13.62 -10.56 -10.68
C VAL A 242 -13.78 -9.68 -11.91
N ALA A 243 -12.80 -8.79 -12.12
CA ALA A 243 -12.78 -7.89 -13.26
C ALA A 243 -13.99 -6.95 -13.28
N LEU A 244 -14.61 -6.72 -12.13
CA LEU A 244 -15.71 -5.79 -12.01
C LEU A 244 -15.26 -4.35 -11.69
N ILE A 245 -14.26 -4.15 -10.82
CA ILE A 245 -13.97 -2.77 -10.43
C ILE A 245 -13.29 -2.02 -11.57
N GLU A 246 -12.76 -2.72 -12.59
CA GLU A 246 -12.38 -2.05 -13.84
C GLU A 246 -13.53 -1.20 -14.41
N HIS A 247 -14.78 -1.54 -14.11
CA HIS A 247 -15.89 -0.70 -14.56
C HIS A 247 -16.26 0.39 -13.58
N MET A 248 -15.65 0.44 -12.40
CA MET A 248 -16.07 1.34 -11.34
C MET A 248 -15.13 2.54 -11.25
N LYS A 249 -15.66 3.63 -10.70
CA LYS A 249 -14.88 4.83 -10.42
C LYS A 249 -14.73 5.02 -8.92
N ASN A 250 -15.81 5.28 -8.21
CA ASN A 250 -15.71 5.53 -6.77
C ASN A 250 -15.67 4.20 -6.01
N TYR A 251 -14.45 3.67 -5.80
CA TYR A 251 -14.37 2.36 -5.13
C TYR A 251 -14.91 2.45 -3.72
N GLU A 252 -14.79 3.61 -3.07
CA GLU A 252 -15.26 3.75 -1.71
C GLU A 252 -16.75 3.49 -1.62
N LEU A 253 -17.52 4.17 -2.47
CA LEU A 253 -18.95 3.96 -2.53
C LEU A 253 -19.29 2.50 -2.90
N PHE A 254 -18.56 1.93 -3.85
CA PHE A 254 -18.75 0.53 -4.24
C PHE A 254 -18.49 -0.43 -3.06
N LEU A 255 -17.37 -0.26 -2.35
CA LEU A 255 -17.07 -1.21 -1.28
C LEU A 255 -18.03 -1.04 -0.11
N LYS A 256 -18.55 0.17 0.08
CA LYS A 256 -19.56 0.40 1.10
C LYS A 256 -20.83 -0.39 0.85
N LYS A 257 -21.35 -0.33 -0.38
CA LYS A 257 -22.56 -1.07 -0.72
C LYS A 257 -22.34 -2.56 -0.54
N VAL A 258 -21.32 -3.09 -1.21
CA VAL A 258 -21.03 -4.53 -1.18
C VAL A 258 -20.89 -5.01 0.26
N SER A 259 -20.20 -4.23 1.13
CA SER A 259 -19.86 -4.76 2.45
C SER A 259 -21.11 -5.07 3.27
N THR A 260 -22.22 -4.41 2.98
CA THR A 260 -23.48 -4.78 3.61
C THR A 260 -23.96 -6.16 3.14
N TRP A 261 -23.36 -6.73 2.10
CA TRP A 261 -23.83 -8.03 1.67
C TRP A 261 -23.02 -9.14 2.28
N ILE A 262 -21.97 -8.81 3.00
CA ILE A 262 -21.07 -9.83 3.54
C ILE A 262 -21.65 -10.33 4.84
N ALA A 263 -21.82 -11.65 4.96
CA ALA A 263 -22.36 -12.23 6.18
C ALA A 263 -21.34 -12.12 7.30
N GLN A 264 -21.76 -12.53 8.48
CA GLN A 264 -20.84 -12.61 9.60
C GLN A 264 -19.79 -13.68 9.29
N ASP A 265 -18.53 -13.30 9.44
CA ASP A 265 -17.37 -14.08 9.02
C ASP A 265 -17.26 -14.27 7.53
N GLY A 266 -18.11 -13.66 6.71
CA GLY A 266 -17.98 -13.76 5.29
C GLY A 266 -16.71 -13.10 4.78
N LEU A 267 -16.42 -13.32 3.51
CA LEU A 267 -15.23 -12.77 2.85
C LEU A 267 -15.61 -12.30 1.47
N LEU A 268 -14.82 -11.36 0.97
CA LEU A 268 -15.03 -10.76 -0.34
C LEU A 268 -13.72 -10.92 -1.08
N PHE A 269 -13.79 -11.38 -2.32
CA PHE A 269 -12.58 -11.58 -3.09
C PHE A 269 -12.71 -10.71 -4.32
N VAL A 270 -11.71 -9.87 -4.55
CA VAL A 270 -11.65 -8.90 -5.64
C VAL A 270 -10.39 -9.17 -6.44
N GLU A 271 -10.54 -9.28 -7.77
CA GLU A 271 -9.40 -9.32 -8.67
C GLU A 271 -9.52 -8.15 -9.64
N HIS A 272 -8.42 -7.42 -9.83
CA HIS A 272 -8.47 -6.32 -10.78
C HIS A 272 -7.14 -6.17 -11.51
N HIS A 273 -7.22 -5.83 -12.79
CA HIS A 273 -6.05 -5.37 -13.53
C HIS A 273 -5.54 -4.05 -12.94
N CYS A 274 -4.24 -3.83 -13.04
CA CYS A 274 -3.64 -2.67 -12.39
C CYS A 274 -2.26 -2.47 -13.01
N HIS A 275 -1.77 -1.24 -12.88
CA HIS A 275 -0.32 -1.05 -12.94
C HIS A 275 0.25 -1.27 -11.54
N LYS A 276 1.52 -1.69 -11.49
CA LYS A 276 2.15 -2.07 -10.21
C LYS A 276 2.18 -0.91 -9.21
N VAL A 277 2.42 0.31 -9.67
CA VAL A 277 2.85 1.41 -8.82
C VAL A 277 1.85 2.57 -8.82
N PHE A 278 1.50 3.08 -10.00
CA PHE A 278 0.65 4.27 -10.10
C PHE A 278 -0.67 3.95 -10.78
N ALA A 279 -1.61 4.89 -10.67
CA ALA A 279 -2.97 4.75 -11.17
C ALA A 279 -3.31 5.99 -11.99
N TYR A 280 -4.30 5.87 -12.89
CA TYR A 280 -4.64 6.98 -13.79
C TYR A 280 -5.98 6.73 -14.48
N GLN A 281 -6.56 7.82 -14.98
CA GLN A 281 -7.69 7.73 -15.87
C GLN A 281 -7.22 7.65 -17.31
N TYR A 282 -8.03 7.05 -18.18
CA TYR A 282 -7.67 7.02 -19.60
C TYR A 282 -7.94 8.38 -20.24
N GLU A 283 -7.10 9.34 -19.88
CA GLU A 283 -6.99 10.56 -20.68
C GLU A 283 -5.90 10.36 -21.71
N PRO A 284 -6.07 10.80 -22.96
CA PRO A 284 -4.95 10.76 -23.90
C PRO A 284 -3.77 11.55 -23.36
N LEU A 285 -2.57 11.05 -23.65
CA LEU A 285 -1.36 11.58 -23.03
C LEU A 285 -0.91 12.87 -23.70
N ASP A 286 -0.80 12.84 -25.02
CA ASP A 286 -0.49 13.98 -25.85
C ASP A 286 -1.44 13.94 -27.04
N GLU A 287 -1.15 14.73 -28.07
CA GLU A 287 -2.00 14.65 -29.26
C GLU A 287 -1.66 13.49 -30.17
N ASP A 288 -0.51 12.83 -29.97
CA ASP A 288 -0.16 11.62 -30.71
C ASP A 288 -0.86 10.38 -30.18
N ASP A 289 -1.75 10.51 -29.19
CA ASP A 289 -2.35 9.35 -28.52
C ASP A 289 -3.63 8.95 -29.24
N TRP A 290 -3.58 7.86 -29.99
CA TRP A 290 -4.76 7.32 -30.66
C TRP A 290 -5.39 6.18 -29.88
N TYR A 291 -4.58 5.39 -29.16
CA TYR A 291 -5.08 4.21 -28.47
C TYR A 291 -6.16 4.56 -27.45
N THR A 292 -5.98 5.63 -26.70
CA THR A 292 -6.85 5.88 -25.55
C THR A 292 -8.29 6.09 -26.01
N GLU A 293 -8.55 7.05 -26.88
CA GLU A 293 -9.93 7.25 -27.28
C GLU A 293 -10.33 6.38 -28.47
N TYR A 294 -9.45 5.52 -28.97
CA TYR A 294 -9.96 4.50 -29.88
C TYR A 294 -10.55 3.35 -29.09
N ILE A 295 -9.82 2.86 -28.08
CA ILE A 295 -10.28 1.74 -27.29
C ILE A 295 -11.27 2.17 -26.20
N PHE A 296 -11.15 3.40 -25.69
CA PHE A 296 -11.91 3.89 -24.53
C PHE A 296 -12.44 5.30 -24.80
N PRO A 297 -13.36 5.46 -25.77
CA PRO A 297 -13.75 6.81 -26.17
C PRO A 297 -14.72 7.49 -25.19
N GLY A 299 -15.90 7.83 -22.21
CA GLY A 299 -16.01 7.08 -20.98
C GLY A 299 -14.71 7.00 -20.19
N THR A 300 -14.60 7.81 -19.13
CA THR A 300 -13.36 7.90 -18.33
C THR A 300 -13.24 6.71 -17.39
N LEU A 301 -12.76 5.59 -17.93
CA LEU A 301 -12.42 4.48 -17.07
C LEU A 301 -11.14 4.78 -16.29
N VAL A 302 -10.88 3.95 -15.29
CA VAL A 302 -9.76 4.11 -14.38
C VAL A 302 -8.90 2.85 -14.40
N MET A 303 -7.59 3.04 -14.60
CA MET A 303 -6.60 2.00 -14.40
C MET A 303 -6.13 2.05 -12.95
N SER A 304 -6.55 1.10 -12.14
CA SER A 304 -6.13 1.08 -10.75
C SER A 304 -4.63 0.79 -10.65
N SER A 305 -4.07 0.98 -9.45
CA SER A 305 -2.74 0.48 -9.15
C SER A 305 -2.84 -0.71 -8.19
N SER A 306 -1.77 -1.50 -8.11
CA SER A 306 -1.88 -2.74 -7.33
C SER A 306 -2.26 -2.49 -5.86
N SER A 307 -1.85 -1.37 -5.27
CA SER A 307 -2.18 -1.15 -3.87
C SER A 307 -3.28 -0.12 -3.63
N ILE A 308 -4.00 0.35 -4.67
CA ILE A 308 -4.95 1.44 -4.43
C ILE A 308 -6.09 1.04 -3.49
N LEU A 309 -6.49 -0.24 -3.48
CA LEU A 309 -7.59 -0.64 -2.60
C LEU A 309 -7.17 -0.75 -1.14
N LEU A 310 -5.87 -0.75 -0.81
CA LEU A 310 -5.49 -0.62 0.61
C LEU A 310 -5.99 0.69 1.22
N TYR A 311 -6.18 1.72 0.41
CA TYR A 311 -6.72 3.00 0.89
C TYR A 311 -8.24 3.01 0.96
N PHE A 312 -8.92 1.89 0.66
CA PHE A 312 -10.38 1.89 0.74
C PHE A 312 -10.89 0.87 1.75
N GLN A 313 -10.41 0.98 3.00
CA GLN A 313 -10.72 0.04 4.05
C GLN A 313 -11.59 0.62 5.16
N GLU A 314 -12.59 1.45 4.78
CA GLU A 314 -13.53 1.99 5.75
C GLU A 314 -14.65 1.03 6.07
N ASP A 315 -15.02 0.17 5.13
CA ASP A 315 -16.08 -0.78 5.38
C ASP A 315 -15.63 -2.24 5.23
N VAL A 316 -14.42 -2.50 4.74
CA VAL A 316 -13.84 -3.85 4.70
C VAL A 316 -12.37 -3.75 5.12
N SER A 317 -11.84 -4.85 5.69
CA SER A 317 -10.44 -4.95 6.12
C SER A 317 -9.72 -5.98 5.27
N VAL A 318 -8.47 -5.70 4.91
CA VAL A 318 -7.69 -6.66 4.11
C VAL A 318 -7.33 -7.86 4.96
N VAL A 319 -7.63 -9.05 4.44
CA VAL A 319 -7.18 -10.33 4.98
C VAL A 319 -5.93 -10.81 4.27
N ASN A 320 -5.83 -10.65 2.95
CA ASN A 320 -4.65 -11.03 2.20
C ASN A 320 -4.62 -10.23 0.91
N HIS A 321 -3.44 -10.22 0.28
CA HIS A 321 -3.23 -9.42 -0.90
C HIS A 321 -2.14 -10.08 -1.74
N TRP A 322 -2.45 -10.43 -2.99
CA TRP A 322 -1.47 -11.05 -3.88
C TRP A 322 -1.42 -10.29 -5.21
N THR A 323 -0.29 -10.41 -5.91
CA THR A 323 -0.32 -10.09 -7.33
C THR A 323 0.14 -11.28 -8.16
N LEU A 324 -0.12 -11.16 -9.46
CA LEU A 324 0.24 -12.16 -10.44
C LEU A 324 0.81 -11.43 -11.64
N SER A 325 1.86 -12.00 -12.24
CA SER A 325 2.58 -11.39 -13.34
C SER A 325 1.64 -10.99 -14.48
N GLY A 326 1.99 -9.89 -15.16
CA GLY A 326 1.24 -9.56 -16.36
C GLY A 326 1.39 -10.56 -17.50
N LYS A 327 2.30 -11.52 -17.36
CA LYS A 327 2.46 -12.57 -18.35
C LYS A 327 1.17 -13.33 -18.52
N HIS A 328 0.43 -13.57 -17.43
CA HIS A 328 -0.83 -14.31 -17.53
C HIS A 328 -1.85 -13.58 -18.41
N PRO A 329 -2.25 -12.34 -18.12
CA PRO A 329 -3.16 -11.66 -19.08
C PRO A 329 -2.53 -11.47 -20.44
N SER A 330 -1.20 -11.34 -20.54
CA SER A 330 -0.57 -11.21 -21.85
C SER A 330 -0.81 -12.46 -22.70
N LEU A 331 -0.55 -13.64 -22.15
CA LEU A 331 -0.75 -14.87 -22.91
C LEU A 331 -2.21 -15.08 -23.27
N GLY A 332 -3.14 -14.76 -22.35
CA GLY A 332 -4.56 -14.91 -22.64
C GLY A 332 -5.04 -14.07 -23.82
N PHE A 333 -4.62 -12.79 -23.87
CA PHE A 333 -4.97 -11.98 -25.02
C PHE A 333 -4.40 -12.56 -26.32
N LYS A 334 -3.18 -13.09 -26.27
CA LYS A 334 -2.61 -13.79 -27.43
C LYS A 334 -3.47 -14.98 -27.85
N GLN A 335 -3.98 -15.73 -26.88
CA GLN A 335 -4.81 -16.88 -27.19
C GLN A 335 -6.08 -16.44 -27.87
N TRP A 336 -6.70 -15.38 -27.35
CA TRP A 336 -7.90 -14.84 -27.96
C TRP A 336 -7.65 -14.45 -29.41
N LEU A 337 -6.53 -13.76 -29.66
CA LEU A 337 -6.21 -13.32 -31.01
C LEU A 337 -6.03 -14.51 -31.95
N LYS A 338 -5.37 -15.57 -31.47
CA LYS A 338 -5.14 -16.72 -32.33
C LYS A 338 -6.46 -17.35 -32.76
N ARG A 339 -7.36 -17.59 -31.79
CA ARG A 339 -8.65 -18.19 -32.07
C ARG A 339 -9.49 -17.32 -32.99
N LEU A 340 -9.41 -15.98 -32.80
CA LEU A 340 -10.11 -15.06 -33.68
C LEU A 340 -9.58 -15.16 -35.11
N ASP A 341 -8.25 -15.11 -35.26
CA ASP A 341 -7.66 -15.20 -36.59
C ASP A 341 -7.94 -16.56 -37.24
N ASP A 342 -7.88 -17.65 -36.44
CA ASP A 342 -8.13 -18.99 -36.97
C ASP A 342 -9.56 -19.21 -37.46
N ASN A 343 -10.48 -18.31 -37.13
CA ASN A 343 -11.88 -18.46 -37.49
C ASN A 343 -12.41 -17.17 -38.10
N ILE A 344 -11.54 -16.44 -38.79
CA ILE A 344 -11.89 -15.07 -39.16
C ILE A 344 -13.11 -15.05 -40.08
N ASP A 345 -13.23 -16.01 -41.01
CA ASP A 345 -14.38 -16.03 -41.92
C ASP A 345 -15.69 -16.17 -41.17
N GLU A 346 -15.76 -17.15 -40.25
CA GLU A 346 -16.96 -17.30 -39.43
C GLU A 346 -17.21 -16.06 -38.60
N VAL A 347 -16.15 -15.42 -38.10
CA VAL A 347 -16.29 -14.19 -37.31
C VAL A 347 -16.92 -13.07 -38.15
N LYS A 348 -16.36 -12.86 -39.35
CA LYS A 348 -16.95 -11.91 -40.30
C LYS A 348 -18.44 -12.18 -40.49
N GLU A 349 -18.80 -13.43 -40.81
CA GLU A 349 -20.22 -13.79 -40.99
C GLU A 349 -21.03 -13.48 -39.73
N ILE A 350 -20.58 -13.94 -38.58
CA ILE A 350 -21.31 -13.66 -37.34
C ILE A 350 -21.51 -12.15 -37.17
N PHE A 351 -20.48 -11.35 -37.49
CA PHE A 351 -20.63 -9.91 -37.26
C PHE A 351 -21.48 -9.25 -38.34
N GLU A 352 -21.25 -9.61 -39.61
CA GLU A 352 -22.09 -9.13 -40.69
C GLU A 352 -23.55 -9.38 -40.40
N SER A 353 -23.86 -10.57 -39.90
CA SER A 353 -25.22 -10.89 -39.49
C SER A 353 -25.68 -9.99 -38.36
N PHE A 354 -24.95 -9.96 -37.25
CA PHE A 354 -25.47 -9.33 -36.04
C PHE A 354 -25.42 -7.79 -36.10
N TYR A 355 -24.45 -7.20 -36.82
CA TYR A 355 -24.39 -5.73 -36.97
C TYR A 355 -24.92 -5.27 -38.32
N GLY A 356 -25.36 -6.18 -39.17
CA GLY A 356 -26.07 -5.78 -40.37
C GLY A 356 -25.25 -5.09 -41.42
N SER A 357 -23.93 -5.00 -41.28
CA SER A 357 -23.14 -4.32 -42.28
C SER A 357 -21.86 -5.09 -42.53
N LYS A 358 -21.37 -5.06 -43.77
CA LYS A 358 -19.99 -5.44 -44.02
C LYS A 358 -19.04 -4.43 -43.37
N GLU A 359 -19.45 -3.15 -43.38
CA GLU A 359 -18.62 -2.07 -42.86
C GLU A 359 -18.50 -2.14 -41.34
N LYS A 360 -19.64 -2.14 -40.64
CA LYS A 360 -19.61 -2.30 -39.20
C LYS A 360 -18.86 -3.57 -38.82
N ALA A 361 -19.04 -4.63 -39.60
CA ALA A 361 -18.42 -5.90 -39.26
C ALA A 361 -16.91 -5.76 -39.25
N MET A 362 -16.33 -5.09 -40.24
CA MET A 362 -14.89 -4.94 -40.26
C MET A 362 -14.41 -4.02 -39.14
N LYS A 363 -15.18 -2.96 -38.86
CA LYS A 363 -14.83 -2.11 -37.74
C LYS A 363 -14.80 -2.91 -36.44
N PHE A 364 -15.71 -3.86 -36.25
CA PHE A 364 -15.71 -4.55 -34.97
C PHE A 364 -14.66 -5.65 -34.90
N ILE A 365 -14.31 -6.27 -36.02
CA ILE A 365 -13.21 -7.22 -36.00
C ILE A 365 -11.91 -6.49 -35.73
N THR A 366 -11.73 -5.35 -36.40
CA THR A 366 -10.54 -4.54 -36.19
C THR A 366 -10.38 -4.17 -34.73
N TYR A 367 -11.43 -3.63 -34.11
CA TYR A 367 -11.36 -3.22 -32.71
C TYR A 367 -10.88 -4.36 -31.82
N TRP A 368 -11.42 -5.56 -32.05
CA TRP A 368 -11.12 -6.71 -31.19
C TRP A 368 -9.69 -7.18 -31.37
N ARG A 369 -9.19 -7.15 -32.60
CA ARG A 369 -7.82 -7.58 -32.83
C ARG A 369 -6.83 -6.57 -32.29
N VAL A 370 -7.12 -5.28 -32.49
CA VAL A 370 -6.32 -4.20 -31.88
C VAL A 370 -6.32 -4.36 -30.37
N PHE A 371 -7.50 -4.56 -29.79
CA PHE A 371 -7.61 -4.72 -28.35
C PHE A 371 -6.71 -5.85 -27.86
N CYS A 372 -6.73 -7.00 -28.56
CA CYS A 372 -5.94 -8.17 -28.17
C CYS A 372 -4.44 -7.95 -28.39
N ILE A 373 -4.07 -7.40 -29.55
CA ILE A 373 -2.66 -7.14 -29.83
C ILE A 373 -2.09 -6.14 -28.84
N ALA A 374 -2.78 -5.02 -28.65
CA ALA A 374 -2.27 -3.93 -27.83
C ALA A 374 -2.14 -4.36 -26.37
N HIS A 375 -3.16 -5.02 -25.84
CA HIS A 375 -3.13 -5.40 -24.44
C HIS A 375 -2.16 -6.54 -24.19
N SER A 376 -1.94 -7.41 -25.19
CA SER A 376 -0.89 -8.40 -25.02
C SER A 376 0.46 -7.72 -24.88
N GLN A 377 0.67 -6.64 -25.62
CA GLN A 377 1.95 -5.95 -25.59
C GLN A 377 2.12 -5.23 -24.25
N MET A 378 1.09 -4.49 -23.82
CA MET A 378 1.17 -3.71 -22.59
C MET A 378 1.38 -4.61 -21.36
N TYR A 379 0.65 -5.72 -21.28
CA TYR A 379 0.83 -6.56 -20.10
C TYR A 379 2.15 -7.28 -20.12
N SER A 380 2.76 -7.48 -21.30
CA SER A 380 4.04 -8.18 -21.35
C SER A 380 5.21 -7.29 -20.94
N THR A 381 5.00 -5.97 -20.90
CA THR A 381 6.07 -5.00 -20.70
C THR A 381 6.96 -5.39 -19.53
N ASN A 382 8.28 -5.37 -19.77
CA ASN A 382 9.27 -5.68 -18.74
C ASN A 382 8.98 -7.01 -18.04
N ASN A 383 8.83 -8.05 -18.85
CA ASN A 383 8.69 -9.40 -18.31
C ASN A 383 7.46 -9.50 -17.40
N GLY A 384 6.47 -8.66 -17.67
CA GLY A 384 5.23 -8.65 -16.93
C GLY A 384 5.28 -8.01 -15.55
N GLU A 385 6.18 -7.05 -15.32
CA GLU A 385 6.29 -6.43 -14.00
C GLU A 385 5.83 -4.96 -13.99
N GLU A 386 5.06 -4.51 -15.00
CA GLU A 386 4.46 -3.16 -15.01
C GLU A 386 2.97 -3.23 -14.79
N TRP A 387 2.20 -3.66 -15.79
CA TRP A 387 0.79 -3.94 -15.67
C TRP A 387 0.62 -5.41 -15.34
N MET A 388 -0.34 -5.71 -14.48
CA MET A 388 -0.40 -7.01 -13.84
C MET A 388 -1.77 -7.19 -13.19
N LEU A 389 -1.89 -8.23 -12.37
CA LEU A 389 -3.12 -8.57 -11.70
C LEU A 389 -2.93 -8.38 -10.20
N SER A 390 -3.96 -7.86 -9.54
CA SER A 390 -3.98 -7.73 -8.11
C SER A 390 -5.17 -8.50 -7.56
N GLN A 391 -4.94 -9.26 -6.50
CA GLN A 391 -6.01 -10.02 -5.87
C GLN A 391 -6.06 -9.67 -4.39
N VAL A 392 -7.22 -9.25 -3.92
CA VAL A 392 -7.38 -8.78 -2.56
C VAL A 392 -8.54 -9.51 -1.91
N LEU A 393 -8.30 -10.03 -0.72
CA LEU A 393 -9.30 -10.72 0.08
C LEU A 393 -9.65 -9.83 1.28
N PHE A 394 -10.94 -9.56 1.45
CA PHE A 394 -11.45 -8.66 2.48
C PHE A 394 -12.40 -9.40 3.42
N LYS A 395 -12.44 -8.97 4.67
CA LYS A 395 -13.48 -9.34 5.62
C LYS A 395 -14.34 -8.11 5.95
N LYS A 396 -15.51 -8.39 6.52
CA LYS A 396 -16.41 -7.32 6.92
C LYS A 396 -15.74 -6.43 7.96
N LYS A 397 -16.00 -5.15 7.90
CA LYS A 397 -15.45 -4.24 8.91
C LYS A 397 -16.56 -3.60 9.72
N ALA B 53 33.47 -8.92 16.11
CA ALA B 53 33.87 -9.68 17.29
C ALA B 53 34.67 -8.76 18.19
N ASN B 54 36.00 -8.91 18.16
CA ASN B 54 36.91 -7.94 18.74
C ASN B 54 36.97 -6.64 17.94
N LEU B 55 36.13 -6.54 16.90
CA LEU B 55 36.18 -5.40 15.99
C LEU B 55 35.87 -4.08 16.70
N ILE B 56 34.93 -4.11 17.65
CA ILE B 56 34.43 -2.86 18.21
C ILE B 56 35.46 -2.22 19.13
N LYS B 57 36.10 -3.04 19.97
CA LYS B 57 36.96 -2.50 21.02
C LYS B 57 38.07 -1.65 20.41
N ARG B 58 38.51 -2.04 19.21
CA ARG B 58 39.44 -1.22 18.45
C ARG B 58 38.86 0.15 18.14
N ILE B 59 37.54 0.31 18.23
CA ILE B 59 36.93 1.59 17.89
C ILE B 59 36.53 2.37 19.13
N GLU B 60 36.04 1.66 20.15
CA GLU B 60 36.13 2.17 21.51
C GLU B 60 37.54 2.67 21.80
N HIS B 61 38.56 2.04 21.17
CA HIS B 61 39.94 2.53 21.13
C HIS B 61 40.05 3.85 20.38
N GLY B 62 39.31 4.01 19.29
CA GLY B 62 39.54 5.07 18.34
C GLY B 62 40.47 4.71 17.18
N GLU B 63 40.42 3.45 16.71
CA GLU B 63 41.41 2.95 15.76
C GLU B 63 40.99 3.02 14.29
N VAL B 64 39.69 3.08 13.94
CA VAL B 64 39.33 3.41 12.57
C VAL B 64 38.67 4.77 12.55
N SER B 65 39.00 5.52 11.50
CA SER B 65 38.39 6.79 11.23
C SER B 65 36.89 6.65 10.96
N ASP B 66 36.16 7.76 11.14
CA ASP B 66 34.76 7.84 10.72
C ASP B 66 34.57 7.24 9.33
N GLU B 67 35.38 7.71 8.37
CA GLU B 67 35.34 7.30 6.98
C GLU B 67 35.25 5.78 6.83
N GLU B 68 35.87 5.04 7.76
CA GLU B 68 35.87 3.59 7.67
C GLU B 68 34.71 2.95 8.42
N ILE B 69 34.13 3.60 9.43
CA ILE B 69 32.84 3.11 9.91
C ILE B 69 31.78 3.38 8.86
N ARG B 70 31.87 4.53 8.19
CA ARG B 70 31.03 4.83 7.04
C ARG B 70 31.10 3.72 6.01
N GLY B 71 32.32 3.21 5.75
CA GLY B 71 32.48 2.20 4.71
C GLY B 71 31.99 0.84 5.17
N MET B 72 32.20 0.53 6.44
CA MET B 72 31.62 -0.71 6.97
C MET B 72 30.10 -0.70 6.86
N MET B 73 29.46 0.45 7.15
CA MET B 73 28.01 0.50 7.15
C MET B 73 27.43 0.28 5.75
N LYS B 74 28.09 0.86 4.73
CA LYS B 74 27.65 0.66 3.35
C LYS B 74 27.61 -0.80 2.98
N ILE B 75 28.59 -1.58 3.44
CA ILE B 75 28.56 -3.01 3.22
C ILE B 75 27.32 -3.61 3.83
N GLN B 76 26.94 -3.13 5.01
CA GLN B 76 25.78 -3.74 5.65
C GLN B 76 24.48 -3.29 5.03
N VAL B 77 24.43 -2.03 4.59
CA VAL B 77 23.29 -1.53 3.82
C VAL B 77 23.03 -2.44 2.63
N GLN B 78 24.06 -2.68 1.81
CA GLN B 78 23.91 -3.45 0.59
C GLN B 78 23.52 -4.89 0.88
N LYS B 79 24.09 -5.48 1.93
CA LYS B 79 23.67 -6.83 2.23
C LYS B 79 22.23 -6.87 2.68
N ARG B 80 21.76 -5.84 3.36
CA ARG B 80 20.36 -5.83 3.75
C ARG B 80 19.46 -5.64 2.53
N LEU B 81 19.87 -4.76 1.60
CA LEU B 81 19.11 -4.55 0.37
C LEU B 81 19.06 -5.84 -0.46
N LYS B 82 20.19 -6.54 -0.57
CA LYS B 82 20.22 -7.82 -1.28
C LYS B 82 19.26 -8.82 -0.64
N TRP B 83 19.28 -8.91 0.69
CA TRP B 83 18.35 -9.77 1.42
C TRP B 83 16.90 -9.36 1.17
N GLY B 84 16.59 -8.06 1.19
CA GLY B 84 15.22 -7.62 1.20
C GLY B 84 14.50 -7.60 -0.14
N TYR B 85 15.20 -7.23 -1.21
CA TYR B 85 14.58 -7.13 -2.53
C TYR B 85 14.44 -8.49 -3.18
N LYS B 86 13.37 -8.66 -3.95
CA LYS B 86 12.93 -9.88 -4.58
C LYS B 86 12.81 -9.67 -6.08
N PRO B 87 13.01 -10.72 -6.90
CA PRO B 87 13.03 -10.51 -8.37
C PRO B 87 11.67 -10.18 -8.97
N THR B 88 10.57 -10.46 -8.27
CA THR B 88 9.24 -10.21 -8.80
C THR B 88 8.37 -9.51 -7.77
N HIS B 89 7.34 -8.79 -8.26
CA HIS B 89 6.45 -8.10 -7.35
C HIS B 89 5.62 -9.08 -6.54
N GLU B 90 5.19 -10.17 -7.18
CA GLU B 90 4.48 -11.25 -6.50
C GLU B 90 5.24 -11.70 -5.24
N GLN B 91 6.56 -11.89 -5.35
CA GLN B 91 7.33 -12.24 -4.16
C GLN B 91 7.48 -11.06 -3.21
N GLN B 92 7.77 -9.87 -3.75
CA GLN B 92 7.93 -8.71 -2.87
C GLN B 92 6.72 -8.56 -1.97
N LEU B 93 5.53 -8.72 -2.57
CA LEU B 93 4.28 -8.51 -1.85
C LEU B 93 4.04 -9.63 -0.84
N ALA B 94 4.19 -10.90 -1.28
CA ALA B 94 4.02 -12.05 -0.40
C ALA B 94 4.90 -11.94 0.84
N GLN B 95 6.10 -11.40 0.68
CA GLN B 95 6.99 -11.27 1.83
C GLN B 95 6.51 -10.16 2.79
N LEU B 96 5.99 -9.04 2.26
CA LEU B 96 5.48 -8.03 3.17
C LEU B 96 4.24 -8.52 3.90
N VAL B 97 3.34 -9.22 3.18
CA VAL B 97 2.09 -9.68 3.78
C VAL B 97 2.37 -10.71 4.86
N THR B 98 3.13 -11.76 4.51
CA THR B 98 3.65 -12.71 5.50
C THR B 98 4.30 -12.03 6.70
N PHE B 99 5.13 -11.00 6.46
CA PHE B 99 5.73 -10.31 7.61
C PHE B 99 4.67 -9.63 8.50
N ALA B 100 3.64 -9.02 7.90
CA ALA B 100 2.64 -8.34 8.74
C ALA B 100 1.88 -9.35 9.61
N GLN B 101 1.51 -10.51 9.02
CA GLN B 101 0.78 -11.55 9.77
C GLN B 101 1.59 -12.03 10.99
N SER B 102 2.89 -12.26 10.80
CA SER B 102 3.72 -12.66 11.92
C SER B 102 3.75 -11.62 13.03
N LEU B 103 3.58 -10.31 12.68
CA LEU B 103 3.57 -9.30 13.74
C LEU B 103 2.35 -9.45 14.63
N LYS B 104 1.27 -10.00 14.08
CA LYS B 104 0.07 -10.22 14.87
C LYS B 104 0.22 -11.39 15.81
N GLY B 105 1.29 -12.18 15.66
CA GLY B 105 1.62 -13.26 16.55
C GLY B 105 2.51 -12.87 17.71
N MET B 106 2.81 -11.58 17.84
CA MET B 106 3.71 -11.12 18.89
C MET B 106 2.94 -10.36 19.96
N GLU B 107 3.71 -9.91 20.96
CA GLU B 107 3.27 -8.98 21.99
C GLU B 107 3.26 -7.57 21.42
N MET B 108 2.55 -6.67 22.10
CA MET B 108 2.50 -5.31 21.61
C MET B 108 3.88 -4.68 21.60
N ALA B 109 4.69 -5.00 22.60
CA ALA B 109 6.00 -4.41 22.81
C ALA B 109 6.75 -5.30 23.78
N GLU B 110 8.07 -5.31 23.65
CA GLU B 110 8.88 -6.11 24.54
C GLU B 110 8.73 -5.66 25.99
N GLU B 111 8.63 -6.65 26.88
CA GLU B 111 8.28 -6.45 28.28
C GLU B 111 9.41 -5.84 29.10
N VAL B 112 10.57 -5.58 28.50
CA VAL B 112 11.75 -4.93 29.11
C VAL B 112 11.48 -4.14 30.40
N GLU B 121 18.34 5.46 30.54
CA GLU B 121 18.11 6.84 30.99
C GLU B 121 19.26 7.76 30.64
N ILE B 122 19.07 8.62 29.65
CA ILE B 122 20.15 9.49 29.16
C ILE B 122 20.21 10.74 30.04
N PRO B 123 21.40 11.14 30.49
CA PRO B 123 21.49 12.37 31.31
C PRO B 123 21.00 13.57 30.51
N LEU B 124 20.17 14.37 31.16
CA LEU B 124 19.60 15.53 30.47
C LEU B 124 20.66 16.47 29.90
N PRO B 125 21.72 16.85 30.63
CA PRO B 125 22.68 17.79 30.04
C PRO B 125 23.37 17.29 28.77
N PHE B 126 23.51 15.98 28.58
CA PHE B 126 24.03 15.47 27.31
C PHE B 126 23.05 15.68 26.17
N LEU B 127 21.75 15.51 26.44
CA LEU B 127 20.74 15.78 25.41
C LEU B 127 20.70 17.26 25.05
N HIS B 128 20.86 18.14 26.04
CA HIS B 128 20.89 19.58 25.75
C HIS B 128 22.01 19.91 24.77
N ILE B 129 23.05 19.09 24.73
CA ILE B 129 24.15 19.33 23.80
C ILE B 129 23.85 18.71 22.43
N MET B 130 23.41 17.44 22.40
CA MET B 130 23.33 16.73 21.13
C MET B 130 22.07 17.10 20.33
N CYS B 131 20.93 17.34 20.98
CA CYS B 131 19.63 17.40 20.32
C CYS B 131 19.20 18.76 19.71
N GLY B 132 19.29 19.90 20.40
CA GLY B 132 18.60 21.10 19.97
C GLY B 132 17.58 21.54 21.00
N LYS B 133 17.15 22.81 20.89
CA LYS B 133 16.47 23.47 22.02
C LYS B 133 15.36 22.64 22.64
N THR B 134 14.24 22.59 21.94
CA THR B 134 13.32 21.49 21.90
C THR B 134 14.09 20.17 21.95
N LEU B 135 13.78 19.30 22.90
CA LEU B 135 14.64 18.12 23.06
C LEU B 135 14.13 16.95 22.20
N LYS B 136 14.02 17.23 20.90
CA LYS B 136 13.25 16.38 20.00
C LYS B 136 14.10 15.19 19.59
N PHE B 137 13.74 14.01 20.08
CA PHE B 137 14.51 12.80 19.81
C PHE B 137 13.85 12.03 18.67
N SER B 138 14.07 12.55 17.46
CA SER B 138 13.37 12.16 16.23
C SER B 138 13.69 13.23 15.18
N PRO B 139 13.45 12.97 13.89
CA PRO B 139 14.09 13.81 12.84
C PRO B 139 13.45 15.18 12.71
N GLY B 140 14.24 16.08 12.10
CA GLY B 140 13.76 17.38 11.74
C GLY B 140 13.44 17.41 10.25
N TYR B 141 12.82 18.50 9.82
CA TYR B 141 12.60 18.76 8.41
C TYR B 141 13.68 19.75 7.96
N PHE B 142 14.47 19.36 6.96
CA PHE B 142 15.54 20.19 6.43
C PHE B 142 15.13 20.69 5.04
N LYS B 143 14.82 21.99 4.95
CA LYS B 143 14.61 22.63 3.65
C LYS B 143 15.92 22.67 2.85
N ASP B 144 17.06 22.81 3.53
CA ASP B 144 18.38 22.90 2.91
C ASP B 144 19.35 22.02 3.66
N GLU B 145 20.62 22.05 3.22
CA GLU B 145 21.69 21.71 4.15
C GLU B 145 22.07 22.92 5.01
N SER B 146 21.56 24.11 4.69
CA SER B 146 21.73 25.30 5.52
C SER B 146 20.73 25.37 6.66
N THR B 147 19.74 24.48 6.69
CA THR B 147 18.79 24.46 7.79
C THR B 147 19.53 24.07 9.07
N THR B 148 19.37 24.87 10.12
CA THR B 148 20.00 24.52 11.38
C THR B 148 19.19 23.41 12.06
N LEU B 149 19.86 22.66 12.95
CA LEU B 149 19.20 21.58 13.68
C LEU B 149 17.91 22.09 14.29
N ASP B 150 17.95 23.33 14.78
CA ASP B 150 16.84 23.83 15.58
C ASP B 150 15.69 24.37 14.70
N GLU B 151 16.03 25.01 13.58
CA GLU B 151 14.99 25.25 12.57
C GLU B 151 14.37 23.93 12.10
N SER B 152 15.17 22.87 11.98
CA SER B 152 14.63 21.62 11.46
C SER B 152 13.63 20.99 12.44
N GLU B 153 13.87 21.12 13.74
CA GLU B 153 12.93 20.62 14.73
C GLU B 153 11.60 21.35 14.64
N VAL B 154 11.65 22.69 14.54
CA VAL B 154 10.45 23.49 14.47
C VAL B 154 9.71 23.24 13.16
N TYR B 155 10.44 23.17 12.04
CA TYR B 155 9.79 22.89 10.76
C TYR B 155 9.01 21.58 10.81
N MET B 156 9.65 20.51 11.28
CA MET B 156 9.00 19.20 11.26
C MET B 156 7.75 19.20 12.13
N MET B 157 7.78 19.95 13.25
CA MET B 157 6.66 19.97 14.19
C MET B 157 5.47 20.79 13.67
N ASP B 158 5.73 21.88 12.92
CA ASP B 158 4.64 22.57 12.26
C ASP B 158 4.05 21.68 11.16
N LEU B 159 4.90 20.93 10.45
CA LEU B 159 4.43 19.92 9.49
C LEU B 159 3.47 18.93 10.14
N TYR B 160 3.84 18.37 11.29
CA TYR B 160 2.92 17.56 12.08
C TYR B 160 1.59 18.28 12.32
N CYS B 161 1.65 19.52 12.79
CA CYS B 161 0.44 20.25 13.14
C CYS B 161 -0.47 20.40 11.93
N GLU B 162 0.12 20.72 10.78
CA GLU B 162 -0.63 20.89 9.56
C GLU B 162 -1.22 19.58 9.07
N ARG B 163 -0.43 18.50 9.06
CA ARG B 163 -0.95 17.25 8.53
C ARG B 163 -1.96 16.60 9.45
N ALA B 164 -1.78 16.71 10.78
CA ALA B 164 -2.78 16.27 11.76
C ALA B 164 -3.94 17.24 11.93
N GLN B 165 -3.94 18.36 11.22
CA GLN B 165 -5.11 19.25 11.23
C GLN B 165 -5.43 19.73 12.66
N ILE B 166 -4.38 20.07 13.42
CA ILE B 166 -4.58 20.62 14.76
C ILE B 166 -5.33 21.94 14.67
N LYS B 167 -6.35 22.11 15.55
CA LYS B 167 -7.08 23.36 15.73
C LYS B 167 -7.12 23.76 17.21
N ASP B 168 -7.01 25.07 17.45
CA ASP B 168 -7.15 25.68 18.77
C ASP B 168 -8.44 25.24 19.45
N GLY B 169 -8.35 24.76 20.69
CA GLY B 169 -9.50 24.22 21.40
C GLY B 169 -9.58 22.68 21.41
N GLN B 170 -8.83 21.99 20.56
CA GLN B 170 -8.87 20.53 20.61
C GLN B 170 -8.12 20.01 21.84
N SER B 171 -8.61 18.89 22.37
CA SER B 171 -7.84 18.09 23.31
C SER B 171 -6.85 17.24 22.52
N ILE B 172 -5.61 17.17 23.00
CA ILE B 172 -4.52 16.56 22.27
C ILE B 172 -3.78 15.59 23.21
N LEU B 173 -3.47 14.39 22.68
CA LEU B 173 -2.74 13.35 23.40
C LEU B 173 -1.45 13.01 22.66
N ASP B 174 -0.34 13.06 23.36
CA ASP B 174 1.00 12.88 22.78
C ASP B 174 1.62 11.62 23.38
N LEU B 175 1.54 10.50 22.67
CA LEU B 175 1.94 9.19 23.21
C LEU B 175 3.45 9.01 23.12
N GLY B 176 4.09 8.75 24.26
CA GLY B 176 5.53 8.68 24.31
C GLY B 176 6.14 10.05 24.12
N CYS B 177 5.74 11.03 24.96
CA CYS B 177 6.06 12.43 24.69
C CYS B 177 7.53 12.77 24.87
N GLY B 178 8.34 11.88 25.46
CA GLY B 178 9.74 12.17 25.66
C GLY B 178 9.96 13.40 26.53
N HIS B 179 10.82 14.29 26.07
CA HIS B 179 11.06 15.52 26.83
C HIS B 179 10.12 16.63 26.41
N GLY B 180 9.00 16.28 25.76
CA GLY B 180 7.89 17.21 25.56
C GLY B 180 8.05 18.14 24.40
N SER B 181 9.00 17.89 23.50
CA SER B 181 9.20 18.68 22.29
C SER B 181 7.87 19.08 21.67
N LEU B 182 7.12 18.06 21.22
CA LEU B 182 5.87 18.31 20.53
C LEU B 182 4.81 18.75 21.52
N THR B 183 4.85 18.22 22.74
CA THR B 183 3.83 18.62 23.71
C THR B 183 3.92 20.11 23.99
N LEU B 184 5.15 20.63 24.21
CA LEU B 184 5.30 22.05 24.51
C LEU B 184 5.05 22.91 23.28
N HIS B 185 5.38 22.40 22.08
CA HIS B 185 5.19 23.18 20.85
C HIS B 185 3.71 23.39 20.57
N VAL B 186 2.93 22.32 20.67
CA VAL B 186 1.50 22.40 20.47
C VAL B 186 0.87 23.30 21.53
N ALA B 187 1.25 23.09 22.78
CA ALA B 187 0.65 23.81 23.89
C ALA B 187 0.90 25.32 23.80
N GLN B 188 2.08 25.72 23.30
CA GLN B 188 2.35 27.15 23.13
C GLN B 188 1.70 27.73 21.89
N LYS B 189 1.60 26.95 20.81
CA LYS B 189 1.06 27.51 19.58
C LYS B 189 -0.46 27.64 19.63
N TYR B 190 -1.12 26.86 20.51
CA TYR B 190 -2.59 26.78 20.59
C TYR B 190 -2.92 26.72 22.07
N ARG B 191 -2.96 27.91 22.67
CA ARG B 191 -3.25 28.01 24.09
C ARG B 191 -4.68 27.60 24.41
N GLY B 192 -5.58 27.59 23.42
CA GLY B 192 -6.88 27.00 23.64
C GLY B 192 -6.85 25.49 23.73
N CYS B 193 -5.75 24.85 23.34
CA CYS B 193 -5.73 23.38 23.41
C CYS B 193 -5.36 22.96 24.82
N LYS B 194 -5.84 21.78 25.21
CA LYS B 194 -5.39 21.06 26.40
C LYS B 194 -4.60 19.87 25.93
N VAL B 195 -3.30 19.87 26.23
CA VAL B 195 -2.37 18.85 25.76
C VAL B 195 -2.03 17.91 26.91
N THR B 196 -2.20 16.60 26.66
CA THR B 196 -1.83 15.52 27.58
C THR B 196 -0.72 14.72 26.94
N GLY B 197 0.41 14.61 27.63
CA GLY B 197 1.53 13.77 27.20
C GLY B 197 1.72 12.57 28.10
N ILE B 198 2.03 11.42 27.50
CA ILE B 198 2.28 10.19 28.24
C ILE B 198 3.75 9.83 28.09
N THR B 199 4.41 9.51 29.20
CA THR B 199 5.79 9.02 29.23
C THR B 199 5.90 8.04 30.40
N ASN B 200 6.82 7.09 30.28
CA ASN B 200 7.08 6.16 31.37
C ASN B 200 8.33 6.56 32.16
N SER B 201 8.75 7.83 32.05
CA SER B 201 10.03 8.30 32.60
C SER B 201 9.80 9.51 33.51
N VAL B 202 9.99 9.31 34.82
CA VAL B 202 9.79 10.41 35.78
C VAL B 202 10.71 11.59 35.48
N SER B 203 11.96 11.30 35.07
CA SER B 203 12.88 12.35 34.64
C SER B 203 12.29 13.21 33.52
N GLN B 204 11.66 12.58 32.53
CA GLN B 204 11.06 13.34 31.43
C GLN B 204 9.87 14.17 31.90
N LYS B 205 9.02 13.60 32.77
CA LYS B 205 7.83 14.31 33.21
C LYS B 205 8.18 15.49 34.10
N GLU B 206 9.18 15.35 34.98
CA GLU B 206 9.55 16.46 35.82
C GLU B 206 10.24 17.57 35.03
N PHE B 207 11.08 17.19 34.05
CA PHE B 207 11.62 18.20 33.14
C PHE B 207 10.51 18.97 32.45
N ILE B 208 9.56 18.26 31.81
CA ILE B 208 8.47 18.94 31.11
C ILE B 208 7.69 19.87 32.05
N MET B 209 7.32 19.35 33.24
CA MET B 209 6.60 20.18 34.20
C MET B 209 7.43 21.40 34.60
N ASP B 210 8.75 21.25 34.68
CA ASP B 210 9.63 22.39 34.94
C ASP B 210 9.54 23.42 33.82
N GLN B 211 9.44 22.96 32.57
CA GLN B 211 9.27 23.93 31.48
C GLN B 211 7.92 24.62 31.58
N CYS B 212 6.87 23.89 31.97
CA CYS B 212 5.55 24.52 32.04
C CYS B 212 5.56 25.67 33.03
N LYS B 213 6.12 25.45 34.23
CA LYS B 213 6.35 26.53 35.17
C LYS B 213 7.07 27.69 34.50
N LYS B 214 8.30 27.45 34.03
CA LYS B 214 9.12 28.44 33.36
C LYS B 214 8.33 29.26 32.33
N LEU B 215 7.89 28.61 31.24
CA LEU B 215 7.18 29.31 30.16
C LEU B 215 5.80 29.81 30.56
N ASP B 216 5.31 29.52 31.76
CA ASP B 216 3.96 29.90 32.16
C ASP B 216 2.93 29.25 31.24
N LEU B 217 2.89 27.92 31.30
CA LEU B 217 1.94 27.10 30.55
C LEU B 217 1.01 26.41 31.52
N SER B 218 -0.28 26.58 31.33
CA SER B 218 -1.27 25.90 32.17
C SER B 218 -2.16 24.96 31.37
N ASN B 219 -1.78 24.60 30.14
CA ASN B 219 -2.64 23.72 29.35
C ASN B 219 -2.01 22.34 29.08
N VAL B 220 -1.15 21.88 29.99
CA VAL B 220 -0.28 20.72 29.78
C VAL B 220 -0.37 19.79 30.98
N GLU B 221 -0.71 18.54 30.73
CA GLU B 221 -0.76 17.51 31.76
C GLU B 221 0.11 16.35 31.33
N ILE B 222 0.90 15.83 32.26
CA ILE B 222 1.81 14.73 31.99
C ILE B 222 1.45 13.54 32.88
N ILE B 223 1.00 12.46 32.24
CA ILE B 223 0.63 11.22 32.90
C ILE B 223 1.85 10.31 32.85
N LEU B 224 2.18 9.70 33.98
CA LEU B 224 3.33 8.80 34.05
C LEU B 224 2.82 7.37 33.90
N GLU B 225 2.98 6.80 32.72
CA GLU B 225 2.55 5.42 32.52
C GLU B 225 3.18 4.82 31.28
N ASP B 226 3.17 3.49 31.25
CA ASP B 226 3.43 2.73 30.04
C ASP B 226 2.21 2.80 29.15
N VAL B 227 2.38 3.34 27.93
CA VAL B 227 1.30 3.42 26.96
C VAL B 227 0.65 2.06 26.76
N THR B 228 1.50 1.03 26.67
CA THR B 228 1.07 -0.34 26.52
C THR B 228 0.01 -0.74 27.54
N LYS B 229 0.04 -0.16 28.74
CA LYS B 229 -0.88 -0.53 29.79
C LYS B 229 -1.82 0.61 30.15
N PHE B 230 -1.69 1.77 29.50
CA PHE B 230 -2.51 2.92 29.86
C PHE B 230 -3.97 2.62 29.58
N GLU B 231 -4.83 2.98 30.53
CA GLU B 231 -6.27 2.79 30.38
C GLU B 231 -6.98 4.04 30.85
N THR B 232 -8.00 4.46 30.11
CA THR B 232 -8.69 5.68 30.42
C THR B 232 -10.04 5.66 29.74
N GLU B 233 -10.99 6.41 30.29
CA GLU B 233 -12.25 6.58 29.60
C GLU B 233 -12.42 8.01 29.10
N ILE B 234 -11.29 8.72 28.92
CA ILE B 234 -11.23 10.03 28.29
C ILE B 234 -10.83 9.81 26.84
N THR B 235 -11.58 10.39 25.89
CA THR B 235 -11.14 10.37 24.50
C THR B 235 -10.64 11.74 24.08
N TYR B 236 -9.82 11.76 23.02
CA TYR B 236 -9.04 12.91 22.61
C TYR B 236 -9.32 13.24 21.15
N ASP B 237 -9.42 14.54 20.83
CA ASP B 237 -9.69 15.00 19.46
C ASP B 237 -8.54 14.67 18.52
N ARG B 238 -7.30 14.65 19.02
CA ARG B 238 -6.12 14.34 18.23
C ARG B 238 -5.13 13.54 19.06
N ILE B 239 -4.55 12.50 18.46
CA ILE B 239 -3.54 11.69 19.12
C ILE B 239 -2.28 11.71 18.27
N PHE B 240 -1.13 11.91 18.90
CA PHE B 240 0.18 11.85 18.25
C PHE B 240 0.91 10.60 18.70
N ALA B 241 1.63 9.98 17.75
CA ALA B 241 2.47 8.81 18.00
C ALA B 241 3.67 8.95 17.04
N VAL B 242 4.62 9.81 17.44
CA VAL B 242 5.81 10.16 16.67
C VAL B 242 6.99 9.34 17.18
N ALA B 243 7.53 8.45 16.34
CA ALA B 243 8.65 7.58 16.71
C ALA B 243 8.32 6.72 17.92
N LEU B 244 7.05 6.35 18.06
CA LEU B 244 6.73 5.38 19.09
C LEU B 244 6.72 3.96 18.53
N ILE B 245 6.20 3.79 17.32
CA ILE B 245 5.89 2.46 16.84
C ILE B 245 7.16 1.67 16.53
N GLU B 246 8.31 2.38 16.37
CA GLU B 246 9.64 1.76 16.39
C GLU B 246 9.86 0.86 17.61
N HIS B 247 9.17 1.14 18.72
CA HIS B 247 9.25 0.38 19.97
C HIS B 247 8.20 -0.72 20.11
N MET B 248 7.33 -0.89 19.10
CA MET B 248 6.21 -1.84 19.09
C MET B 248 6.47 -3.02 18.15
N LYS B 249 5.72 -4.11 18.37
CA LYS B 249 5.79 -5.28 17.49
C LYS B 249 4.42 -5.64 16.94
N ASN B 250 3.48 -5.96 17.80
CA ASN B 250 2.13 -6.22 17.31
C ASN B 250 1.43 -4.88 17.03
N TYR B 251 1.66 -4.34 15.83
CA TYR B 251 0.98 -3.12 15.40
C TYR B 251 -0.53 -3.21 15.58
N GLU B 252 -1.08 -4.42 15.44
CA GLU B 252 -2.52 -4.60 15.55
C GLU B 252 -3.02 -4.37 16.98
N LEU B 253 -2.32 -4.91 17.97
CA LEU B 253 -2.76 -4.66 19.34
C LEU B 253 -2.60 -3.18 19.70
N PHE B 254 -1.57 -2.52 19.17
CA PHE B 254 -1.31 -1.12 19.51
C PHE B 254 -2.38 -0.19 18.92
N LEU B 255 -2.70 -0.37 17.63
CA LEU B 255 -3.73 0.47 17.00
C LEU B 255 -5.11 0.19 17.57
N LYS B 256 -5.37 -1.07 17.97
CA LYS B 256 -6.67 -1.40 18.56
C LYS B 256 -6.87 -0.62 19.84
N LYS B 257 -5.87 -0.66 20.71
CA LYS B 257 -5.92 0.05 21.96
C LYS B 257 -6.04 1.57 21.74
N VAL B 258 -5.17 2.13 20.89
CA VAL B 258 -5.17 3.58 20.72
C VAL B 258 -6.50 4.06 20.15
N SER B 259 -7.16 3.20 19.37
CA SER B 259 -8.40 3.58 18.69
C SER B 259 -9.50 3.87 19.68
N THR B 260 -9.47 3.23 20.84
CA THR B 260 -10.54 3.51 21.80
C THR B 260 -10.35 4.87 22.47
N TRP B 261 -9.18 5.49 22.34
CA TRP B 261 -8.93 6.84 22.87
C TRP B 261 -9.31 7.94 21.90
N ILE B 262 -9.73 7.60 20.67
CA ILE B 262 -10.03 8.63 19.69
C ILE B 262 -11.46 9.11 19.87
N ALA B 263 -11.62 10.43 20.01
CA ALA B 263 -12.95 11.01 20.13
C ALA B 263 -13.71 10.92 18.81
N GLN B 264 -14.99 11.22 18.89
CA GLN B 264 -15.84 11.22 17.71
C GLN B 264 -15.29 12.20 16.66
N ASP B 265 -14.93 11.65 15.50
CA ASP B 265 -14.36 12.39 14.37
C ASP B 265 -12.96 12.91 14.67
N GLY B 266 -12.26 12.21 15.56
CA GLY B 266 -10.87 12.53 15.86
C GLY B 266 -9.94 11.86 14.86
N LEU B 267 -8.65 12.18 15.02
CA LEU B 267 -7.61 11.77 14.09
C LEU B 267 -6.41 11.26 14.89
N LEU B 268 -5.77 10.21 14.40
CA LEU B 268 -4.50 9.72 14.94
C LEU B 268 -3.43 9.94 13.89
N PHE B 269 -2.33 10.59 14.29
CA PHE B 269 -1.18 10.83 13.40
C PHE B 269 -0.01 9.97 13.88
N VAL B 270 0.61 9.24 12.95
CA VAL B 270 1.69 8.32 13.26
C VAL B 270 2.87 8.61 12.33
N GLU B 271 4.08 8.73 12.87
CA GLU B 271 5.27 8.85 12.04
C GLU B 271 6.24 7.75 12.40
N HIS B 272 6.78 7.05 11.40
CA HIS B 272 7.70 5.96 11.65
C HIS B 272 8.83 5.90 10.61
N HIS B 273 10.05 5.70 11.09
CA HIS B 273 11.16 5.32 10.23
C HIS B 273 10.83 3.99 9.55
N CYS B 274 11.37 3.77 8.34
CA CYS B 274 11.01 2.58 7.57
C CYS B 274 12.00 2.42 6.41
N HIS B 275 12.00 1.22 5.84
CA HIS B 275 12.45 1.07 4.47
C HIS B 275 11.26 1.27 3.53
N LYS B 276 11.56 1.72 2.32
CA LYS B 276 10.49 2.06 1.39
C LYS B 276 9.62 0.87 1.07
N VAL B 277 10.23 -0.33 1.02
CA VAL B 277 9.67 -1.49 0.32
C VAL B 277 9.47 -2.69 1.25
N PHE B 278 10.51 -3.08 1.99
CA PHE B 278 10.37 -4.28 2.80
C PHE B 278 10.56 -4.00 4.29
N ALA B 279 10.03 -4.91 5.12
CA ALA B 279 10.07 -4.84 6.57
C ALA B 279 10.97 -5.96 7.10
N TYR B 280 11.39 -5.83 8.36
CA TYR B 280 12.28 -6.87 8.89
C TYR B 280 12.54 -6.70 10.37
N GLN B 281 12.84 -7.83 11.02
CA GLN B 281 13.33 -7.85 12.39
C GLN B 281 14.83 -7.64 12.37
N TYR B 282 15.33 -6.82 13.31
CA TYR B 282 16.76 -6.55 13.46
C TYR B 282 17.43 -7.80 14.02
N GLU B 283 18.07 -8.56 13.15
CA GLU B 283 18.81 -9.76 13.49
C GLU B 283 19.87 -9.91 12.43
N PRO B 284 21.09 -10.27 12.81
CA PRO B 284 22.22 -10.18 11.87
C PRO B 284 21.99 -11.03 10.63
N LEU B 285 22.40 -10.47 9.50
CA LEU B 285 22.47 -11.22 8.27
C LEU B 285 23.58 -12.26 8.36
N ASP B 286 24.83 -11.81 8.20
CA ASP B 286 25.99 -12.70 8.19
C ASP B 286 26.41 -13.07 9.61
N GLU B 287 27.49 -13.86 9.69
CA GLU B 287 28.33 -13.86 10.89
C GLU B 287 29.01 -12.51 11.10
N ASP B 288 29.16 -11.73 10.03
CA ASP B 288 29.94 -10.50 10.02
C ASP B 288 29.09 -9.26 10.32
N ASP B 289 27.88 -9.44 10.84
CA ASP B 289 27.02 -8.30 11.15
C ASP B 289 27.35 -7.88 12.57
N TRP B 290 28.25 -6.90 12.69
CA TRP B 290 28.53 -6.28 13.98
C TRP B 290 27.41 -5.34 14.38
N TYR B 291 26.85 -4.62 13.40
CA TYR B 291 26.07 -3.42 13.67
C TYR B 291 24.78 -3.73 14.42
N THR B 292 24.14 -4.86 14.14
CA THR B 292 22.93 -5.19 14.88
C THR B 292 23.25 -5.58 16.31
N GLU B 293 24.32 -6.36 16.50
CA GLU B 293 24.76 -6.74 17.83
C GLU B 293 25.14 -5.51 18.66
N TYR B 294 25.80 -4.54 18.02
CA TYR B 294 26.35 -3.40 18.74
C TYR B 294 25.29 -2.33 18.99
N ILE B 295 24.63 -1.88 17.92
CA ILE B 295 23.65 -0.82 18.03
C ILE B 295 22.40 -1.32 18.75
N PHE B 296 22.01 -2.56 18.53
CA PHE B 296 20.82 -3.12 19.17
C PHE B 296 21.17 -4.40 19.92
N PRO B 297 21.75 -4.30 21.15
CA PRO B 297 21.85 -5.48 22.00
C PRO B 297 20.45 -5.78 22.53
N GLY B 299 16.64 -8.30 22.22
CA GLY B 299 15.73 -7.24 22.60
C GLY B 299 15.14 -6.76 21.29
N THR B 300 14.75 -7.72 20.45
CA THR B 300 14.62 -7.51 19.02
C THR B 300 13.49 -6.53 18.68
N LEU B 301 13.72 -5.74 17.63
CA LEU B 301 12.72 -4.77 17.19
C LEU B 301 12.50 -4.90 15.69
N VAL B 302 11.57 -4.08 15.21
CA VAL B 302 10.99 -4.17 13.88
C VAL B 302 11.31 -2.90 13.11
N MET B 303 12.10 -3.02 12.06
CA MET B 303 12.16 -1.99 11.03
C MET B 303 10.96 -2.17 10.08
N SER B 304 9.97 -1.26 10.17
CA SER B 304 8.78 -1.33 9.33
C SER B 304 9.12 -0.96 7.88
N SER B 305 8.13 -1.13 7.01
CA SER B 305 8.15 -0.64 5.64
C SER B 305 7.13 0.48 5.51
N SER B 306 7.33 1.34 4.51
CA SER B 306 6.46 2.52 4.34
C SER B 306 4.98 2.15 4.23
N SER B 307 4.65 1.00 3.65
CA SER B 307 3.24 0.73 3.42
C SER B 307 2.63 -0.21 4.45
N ILE B 308 3.36 -0.57 5.52
CA ILE B 308 2.92 -1.74 6.29
C ILE B 308 1.72 -1.44 7.17
N LEU B 309 1.50 -0.17 7.56
CA LEU B 309 0.33 0.12 8.37
C LEU B 309 -0.96 0.08 7.55
N LEU B 310 -0.88 0.10 6.22
CA LEU B 310 -2.09 -0.15 5.42
C LEU B 310 -2.70 -1.50 5.70
N TYR B 311 -1.92 -2.46 6.22
CA TYR B 311 -2.41 -3.80 6.48
C TYR B 311 -2.96 -3.95 7.90
N PHE B 312 -3.15 -2.83 8.61
CA PHE B 312 -3.54 -2.83 10.03
C PHE B 312 -4.66 -1.84 10.25
N GLN B 313 -5.68 -1.93 9.39
CA GLN B 313 -6.83 -1.04 9.37
C GLN B 313 -8.08 -1.77 9.82
N GLU B 314 -7.96 -2.58 10.85
CA GLU B 314 -9.14 -3.19 11.48
C GLU B 314 -9.88 -2.23 12.40
N ASP B 315 -9.15 -1.38 13.15
CA ASP B 315 -9.78 -0.47 14.10
C ASP B 315 -9.60 1.00 13.75
N VAL B 316 -8.75 1.32 12.79
CA VAL B 316 -8.57 2.68 12.30
C VAL B 316 -8.53 2.62 10.78
N SER B 317 -8.84 3.75 10.13
CA SER B 317 -8.80 3.82 8.68
C SER B 317 -7.87 4.95 8.24
N VAL B 318 -7.12 4.70 7.16
CA VAL B 318 -6.16 5.68 6.66
C VAL B 318 -6.91 6.81 5.96
N VAL B 319 -6.64 8.05 6.38
CA VAL B 319 -7.14 9.28 5.78
C VAL B 319 -6.10 9.89 4.84
N ASN B 320 -4.84 9.82 5.21
CA ASN B 320 -3.79 10.32 4.35
C ASN B 320 -2.50 9.57 4.68
N HIS B 321 -1.54 9.69 3.77
CA HIS B 321 -0.31 8.92 3.86
C HIS B 321 0.74 9.69 3.09
N TRP B 322 1.91 9.90 3.72
CA TRP B 322 2.99 10.66 3.09
C TRP B 322 4.31 10.00 3.44
N THR B 323 5.33 10.19 2.60
CA THR B 323 6.69 9.85 3.00
C THR B 323 7.60 11.06 2.84
N LEU B 324 8.75 11.01 3.54
CA LEU B 324 9.81 12.02 3.43
C LEU B 324 11.14 11.33 3.20
N SER B 325 11.96 11.92 2.35
CA SER B 325 13.25 11.36 1.99
C SER B 325 14.13 11.05 3.21
N GLY B 326 14.96 10.02 3.07
CA GLY B 326 15.97 9.71 4.08
C GLY B 326 16.97 10.82 4.33
N LYS B 327 17.04 11.83 3.44
CA LYS B 327 17.94 12.95 3.66
C LYS B 327 17.61 13.68 4.95
N HIS B 328 16.32 13.74 5.33
CA HIS B 328 15.95 14.40 6.57
C HIS B 328 16.54 13.75 7.82
N PRO B 329 16.29 12.45 8.12
CA PRO B 329 17.03 11.84 9.25
C PRO B 329 18.54 11.87 9.06
N SER B 330 19.02 11.72 7.82
CA SER B 330 20.46 11.70 7.57
C SER B 330 21.11 12.99 8.03
N LEU B 331 20.54 14.12 7.58
CA LEU B 331 21.01 15.43 7.99
C LEU B 331 20.92 15.58 9.50
N GLY B 332 19.80 15.13 10.08
CA GLY B 332 19.65 15.25 11.52
C GLY B 332 20.77 14.55 12.26
N PHE B 333 21.07 13.31 11.85
CA PHE B 333 22.14 12.57 12.47
C PHE B 333 23.49 13.23 12.27
N LYS B 334 23.68 13.94 11.15
CA LYS B 334 24.95 14.64 10.98
C LYS B 334 25.07 15.77 11.97
N GLN B 335 23.99 16.51 12.19
CA GLN B 335 23.98 17.58 13.18
C GLN B 335 24.21 17.04 14.59
N TRP B 336 23.66 15.86 14.91
CA TRP B 336 23.89 15.29 16.25
C TRP B 336 25.37 15.00 16.46
N LEU B 337 26.03 14.47 15.43
CA LEU B 337 27.43 14.13 15.53
C LEU B 337 28.31 15.36 15.66
N LYS B 338 27.99 16.42 14.91
CA LYS B 338 28.82 17.63 14.96
C LYS B 338 28.73 18.31 16.33
N ARG B 339 27.51 18.47 16.85
CA ARG B 339 27.33 19.05 18.16
C ARG B 339 27.99 18.21 19.24
N LEU B 340 27.92 16.89 19.12
CA LEU B 340 28.65 15.99 20.02
C LEU B 340 30.14 16.28 20.01
N ASP B 341 30.75 16.28 18.81
CA ASP B 341 32.18 16.45 18.69
C ASP B 341 32.61 17.87 19.03
N ASP B 342 31.74 18.86 18.78
CA ASP B 342 32.06 20.25 19.09
C ASP B 342 32.16 20.50 20.58
N ASN B 343 31.48 19.69 21.38
CA ASN B 343 31.42 19.87 22.82
C ASN B 343 31.93 18.62 23.52
N ILE B 344 32.86 17.92 22.87
CA ILE B 344 33.16 16.55 23.25
C ILE B 344 33.67 16.49 24.67
N ASP B 345 34.39 17.55 25.09
CA ASP B 345 34.98 17.55 26.42
C ASP B 345 33.91 17.69 27.49
N GLU B 346 32.95 18.60 27.27
CA GLU B 346 31.82 18.71 28.19
C GLU B 346 31.02 17.41 28.24
N VAL B 347 30.89 16.73 27.09
CA VAL B 347 30.22 15.44 27.06
C VAL B 347 30.97 14.39 27.92
N LYS B 348 32.30 14.32 27.81
CA LYS B 348 33.04 13.37 28.66
C LYS B 348 32.82 13.64 30.14
N GLU B 349 32.77 14.90 30.54
CA GLU B 349 32.52 15.23 31.94
C GLU B 349 31.14 14.75 32.39
N ILE B 350 30.11 15.02 31.57
CA ILE B 350 28.77 14.56 31.91
C ILE B 350 28.73 13.03 32.01
N PHE B 351 29.41 12.34 31.09
CA PHE B 351 29.30 10.89 31.10
C PHE B 351 30.10 10.27 32.25
N GLU B 352 31.24 10.87 32.60
CA GLU B 352 32.00 10.38 33.75
C GLU B 352 31.19 10.50 35.04
N SER B 353 30.55 11.64 35.25
CA SER B 353 29.71 11.84 36.42
C SER B 353 28.57 10.82 36.46
N PHE B 354 27.79 10.73 35.38
CA PHE B 354 26.64 9.84 35.40
C PHE B 354 27.07 8.36 35.42
N TYR B 355 28.04 7.96 34.58
CA TYR B 355 28.36 6.52 34.47
C TYR B 355 29.45 6.05 35.43
N GLY B 356 30.20 6.97 36.06
CA GLY B 356 31.07 6.60 37.15
C GLY B 356 32.52 6.29 36.81
N SER B 357 32.90 6.33 35.54
CA SER B 357 34.29 6.08 35.19
C SER B 357 34.58 6.64 33.81
N LYS B 358 35.85 6.99 33.58
CA LYS B 358 36.24 7.58 32.31
C LYS B 358 36.21 6.56 31.18
N GLU B 359 36.40 5.29 31.50
CA GLU B 359 36.38 4.26 30.47
C GLU B 359 34.97 4.02 29.97
N LYS B 360 34.05 3.69 30.87
CA LYS B 360 32.64 3.50 30.53
C LYS B 360 32.03 4.75 29.88
N ALA B 361 32.53 5.93 30.25
CA ALA B 361 32.19 7.15 29.53
C ALA B 361 32.65 7.07 28.07
N MET B 362 33.92 6.72 27.85
CA MET B 362 34.42 6.62 26.48
C MET B 362 33.61 5.60 25.67
N LYS B 363 33.14 4.53 26.31
CA LYS B 363 32.30 3.53 25.65
C LYS B 363 31.01 4.14 25.12
N PHE B 364 30.41 5.08 25.87
CA PHE B 364 29.11 5.64 25.51
C PHE B 364 29.25 6.76 24.48
N ILE B 365 30.27 7.59 24.62
CA ILE B 365 30.61 8.54 23.57
C ILE B 365 30.84 7.80 22.26
N THR B 366 31.58 6.69 22.31
CA THR B 366 31.81 5.89 21.10
C THR B 366 30.51 5.34 20.55
N TYR B 367 29.69 4.74 21.41
CA TYR B 367 28.38 4.24 20.96
C TYR B 367 27.64 5.31 20.16
N TRP B 368 27.55 6.53 20.70
CA TRP B 368 26.70 7.56 20.12
C TRP B 368 27.24 8.06 18.79
N ARG B 369 28.57 8.24 18.71
CA ARG B 369 29.18 8.65 17.45
C ARG B 369 28.91 7.62 16.35
N VAL B 370 29.09 6.33 16.65
CA VAL B 370 28.83 5.26 15.69
C VAL B 370 27.35 5.25 15.30
N PHE B 371 26.47 5.33 16.30
CA PHE B 371 25.04 5.43 16.03
C PHE B 371 24.75 6.51 15.00
N CYS B 372 25.23 7.74 15.25
CA CYS B 372 25.00 8.85 14.31
C CYS B 372 25.68 8.62 12.97
N ILE B 373 26.94 8.17 13.00
CA ILE B 373 27.67 7.87 11.76
C ILE B 373 26.94 6.79 10.96
N ALA B 374 26.63 5.66 11.60
CA ALA B 374 26.06 4.53 10.88
C ALA B 374 24.72 4.90 10.27
N HIS B 375 23.85 5.55 11.06
CA HIS B 375 22.51 5.89 10.62
C HIS B 375 22.47 7.07 9.66
N SER B 376 23.39 8.03 9.78
CA SER B 376 23.48 9.07 8.74
C SER B 376 23.78 8.44 7.38
N GLN B 377 24.72 7.49 7.35
CA GLN B 377 25.04 6.82 6.10
C GLN B 377 23.87 6.00 5.60
N MET B 378 23.31 5.16 6.49
CA MET B 378 22.24 4.25 6.08
C MET B 378 21.09 5.00 5.43
N TYR B 379 20.65 6.12 6.05
CA TYR B 379 19.51 6.87 5.49
C TYR B 379 19.89 7.70 4.27
N SER B 380 21.18 8.01 4.06
CA SER B 380 21.56 8.68 2.82
C SER B 380 21.56 7.75 1.61
N THR B 381 21.45 6.44 1.82
CA THR B 381 21.52 5.49 0.73
C THR B 381 20.61 5.88 -0.44
N ASN B 382 21.18 5.88 -1.65
CA ASN B 382 20.45 6.19 -2.88
C ASN B 382 19.65 7.47 -2.74
N ASN B 383 20.34 8.53 -2.32
CA ASN B 383 19.72 9.85 -2.18
C ASN B 383 18.45 9.80 -1.33
N GLY B 384 18.49 9.04 -0.25
CA GLY B 384 17.37 8.97 0.66
C GLY B 384 16.18 8.13 0.23
N GLU B 385 16.28 7.45 -0.92
CA GLU B 385 15.18 6.66 -1.47
C GLU B 385 15.18 5.19 -1.03
N GLU B 386 15.96 4.83 -0.01
CA GLU B 386 15.86 3.49 0.57
C GLU B 386 15.20 3.54 1.94
N TRP B 387 15.91 4.01 2.98
CA TRP B 387 15.28 4.21 4.28
C TRP B 387 14.86 5.65 4.39
N MET B 388 13.76 5.88 5.10
CA MET B 388 13.03 7.13 4.99
C MET B 388 12.00 7.18 6.11
N LEU B 389 11.16 8.22 6.06
CA LEU B 389 10.10 8.48 7.02
C LEU B 389 8.73 8.28 6.39
N SER B 390 7.81 7.74 7.15
CA SER B 390 6.45 7.57 6.70
C SER B 390 5.51 8.19 7.73
N GLN B 391 4.50 8.89 7.23
CA GLN B 391 3.56 9.57 8.09
C GLN B 391 2.17 9.11 7.68
N VAL B 392 1.34 8.76 8.68
CA VAL B 392 0.03 8.19 8.40
C VAL B 392 -0.99 8.87 9.29
N LEU B 393 -2.05 9.38 8.66
CA LEU B 393 -3.19 9.99 9.35
C LEU B 393 -4.34 9.00 9.32
N PHE B 394 -4.85 8.66 10.51
CA PHE B 394 -5.95 7.73 10.71
C PHE B 394 -7.15 8.42 11.33
N LYS B 395 -8.34 7.88 11.08
CA LYS B 395 -9.50 8.18 11.89
C LYS B 395 -10.00 6.88 12.51
N LYS B 396 -10.94 7.01 13.44
CA LYS B 396 -11.44 5.85 14.15
C LYS B 396 -12.40 5.04 13.28
N LYS B 397 -12.36 3.72 13.46
CA LYS B 397 -13.41 2.77 13.08
C LYS B 397 -13.24 2.39 11.64
N SAM C . -16.86 -11.82 -13.85
CA SAM C . -17.03 -12.35 -15.22
C SAM C . -15.75 -13.04 -15.70
O SAM C . -15.86 -13.81 -16.77
OXT SAM C . -14.71 -12.90 -15.06
CB SAM C . -17.47 -11.22 -16.18
CG SAM C . -16.46 -10.52 -17.10
SD SAM C . -16.13 -8.88 -16.65
CE SAM C . -14.68 -8.29 -17.54
C5' SAM C . -17.28 -7.65 -16.92
C4' SAM C . -18.74 -7.96 -16.54
O4' SAM C . -19.20 -6.94 -15.64
C3' SAM C . -19.54 -7.79 -17.84
O3' SAM C . -20.05 -9.03 -18.32
C2' SAM C . -20.65 -6.80 -17.48
O2' SAM C . -21.93 -7.30 -17.87
C1' SAM C . -20.55 -6.70 -15.96
N9 SAM C . -20.93 -5.41 -15.41
C8 SAM C . -20.26 -4.21 -15.53
N7 SAM C . -20.87 -3.20 -14.95
C5 SAM C . -22.01 -3.77 -14.39
C6 SAM C . -23.07 -3.24 -13.64
N6 SAM C . -23.15 -1.96 -13.28
N1 SAM C . -24.04 -4.09 -13.24
C2 SAM C . -23.96 -5.37 -13.59
N3 SAM C . -23.02 -5.99 -14.31
C4 SAM C . -22.06 -5.13 -14.68
N SAM D . 7.91 11.66 20.22
CA SAM D . 8.97 11.96 21.22
C SAM D . 10.05 12.86 20.58
O SAM D . 11.00 13.31 21.39
OXT SAM D . 9.97 13.13 19.39
CB SAM D . 9.57 10.64 21.76
CG SAM D . 10.94 10.20 21.22
SD SAM D . 11.06 8.51 20.90
CE SAM D . 12.62 8.16 20.10
C5' SAM D . 11.02 7.38 22.21
C4' SAM D . 10.01 7.68 23.34
O4' SAM D . 9.03 6.62 23.51
C3' SAM D . 10.80 7.77 24.65
O3' SAM D . 10.68 9.07 25.23
C2' SAM D . 10.17 6.67 25.54
O2' SAM D . 10.06 7.09 26.91
C1' SAM D . 8.81 6.47 24.89
N9 SAM D . 8.21 5.15 25.13
C8 SAM D . 8.57 3.94 24.61
N7 SAM D . 7.84 2.94 25.03
C5 SAM D . 6.93 3.53 25.90
C6 SAM D . 5.87 3.01 26.67
N6 SAM D . 5.53 1.71 26.70
N1 SAM D . 5.16 3.88 27.42
C2 SAM D . 5.49 5.17 27.40
N3 SAM D . 6.45 5.78 26.71
C4 SAM D . 7.14 4.90 25.97
#